data_2GUO
#
_entry.id   2GUO
#
_cell.length_a   83.957
_cell.length_b   58.369
_cell.length_c   89.425
_cell.angle_alpha   90.00
_cell.angle_beta   109.66
_cell.angle_gamma   90.00
#
_symmetry.space_group_name_H-M   'P 1 21 1'
#
loop_
_entity.id
_entity.type
_entity.pdbx_description
1 polymer 'HLA class I histocompatibility antigen, A-2 alpha chain'
2 polymer Beta-2-microglobulin
3 polymer Peptide
4 non-polymer GLYCEROL
5 non-polymer 'SODIUM ION'
6 water water
#
loop_
_entity_poly.entity_id
_entity_poly.type
_entity_poly.pdbx_seq_one_letter_code
_entity_poly.pdbx_strand_id
1 'polypeptide(L)'
;GSHSMRYFFTSVSRPGRGEPRFIAVGYVDDTQFVRFDSDAASQRMEPRAPWIEQEGPEYWDGETRKVKAHSQTHRVDLGT
LRGYYNQSEAGSHTVQRMYGCDVGSDWRFLRGYHQYAYDGKDYIALKEDLRSWTAADMAAQTTKHKWEAAHVAEQLRAYL
EGTCVEWLRRYLENGKETLQRTDAPKTHMTHHAVSDHEATLRCWALSFYPAEITLTWQRDGEDQTQDTELVETRPAGDGT
FQKWAAVVVPSGQEQRYTCHVQHEGLPKPLTLRWE
;
A,D
2 'polypeptide(L)'
;MIQRTPKIQVYSRHPAENGKSNFLNCYVSGFHPSDIEVDLLKNGERIEKVEHSDLSFSKDWSFYLLYYTEFTPTEKDEYA
CRVNHVTLSQPKIVKWDRDM
;
B,E
3 'polypeptide(L)' AAGIGILTV C,F
#
loop_
_chem_comp.id
_chem_comp.type
_chem_comp.name
_chem_comp.formula
GOL non-polymer GLYCEROL 'C3 H8 O3'
NA non-polymer 'SODIUM ION' 'Na 1'
#
# COMPACT_ATOMS: atom_id res chain seq x y z
N GLY A 1 -4.81 -7.35 13.35
CA GLY A 1 -4.11 -7.77 14.60
C GLY A 1 -2.90 -6.85 14.70
N SER A 2 -2.95 -5.80 13.88
CA SER A 2 -1.85 -4.88 13.63
C SER A 2 -1.89 -3.61 14.51
N HIS A 3 -0.75 -3.09 14.98
CA HIS A 3 -0.77 -2.03 16.02
C HIS A 3 0.19 -0.86 15.78
N SER A 4 0.05 0.21 16.56
CA SER A 4 0.86 1.37 16.35
C SER A 4 1.04 2.14 17.65
N MET A 5 2.15 2.83 17.80
CA MET A 5 2.34 3.76 18.91
C MET A 5 2.62 5.11 18.29
N ARG A 6 1.96 6.20 18.71
CA ARG A 6 2.22 7.49 18.11
C ARG A 6 2.22 8.52 19.20
N TYR A 7 3.13 9.50 19.09
CA TYR A 7 3.20 10.63 20.04
C TYR A 7 2.89 11.86 19.20
N PHE A 8 2.09 12.78 19.75
CA PHE A 8 1.66 13.95 18.98
C PHE A 8 2.01 15.14 19.84
N PHE A 9 2.56 16.20 19.26
CA PHE A 9 2.98 17.34 20.08
C PHE A 9 2.52 18.58 19.34
N THR A 10 1.97 19.54 20.05
CA THR A 10 1.50 20.76 19.42
C THR A 10 2.02 21.89 20.26
N SER A 11 2.65 22.92 19.66
CA SER A 11 2.96 24.19 20.35
C SER A 11 2.39 25.36 19.59
N VAL A 12 1.81 26.29 20.33
CA VAL A 12 1.12 27.45 19.74
C VAL A 12 1.67 28.73 20.36
N SER A 13 2.23 29.60 19.56
CA SER A 13 2.68 30.88 20.12
C SER A 13 1.51 31.77 20.46
N ARG A 14 1.68 32.59 21.51
CA ARG A 14 0.65 33.49 21.99
C ARG A 14 1.29 34.77 22.42
N PRO A 15 1.68 35.59 21.42
CA PRO A 15 2.51 36.78 21.63
C PRO A 15 1.91 37.74 22.63
N GLY A 16 2.60 37.98 23.74
CA GLY A 16 2.08 38.84 24.81
C GLY A 16 1.13 38.17 25.79
N ARG A 17 0.93 36.86 25.66
CA ARG A 17 0.01 36.16 26.52
C ARG A 17 0.73 34.97 27.08
N GLY A 18 2.04 35.09 27.18
CA GLY A 18 2.83 34.08 27.84
C GLY A 18 3.70 33.32 26.88
N GLU A 19 4.34 32.28 27.38
CA GLU A 19 5.18 31.44 26.56
C GLU A 19 4.23 30.48 25.84
N PRO A 20 4.70 29.80 24.74
CA PRO A 20 3.83 28.98 23.93
C PRO A 20 3.10 27.90 24.72
N ARG A 21 1.87 27.61 24.29
CA ARG A 21 1.10 26.54 24.88
C ARG A 21 1.75 25.30 24.32
N PHE A 22 2.03 24.28 25.15
CA PHE A 22 2.57 23.04 24.59
C PHE A 22 1.68 21.88 25.06
N ILE A 23 1.25 20.97 24.16
CA ILE A 23 0.42 19.83 24.55
C ILE A 23 1.06 18.62 23.87
N ALA A 24 1.18 17.54 24.61
CA ALA A 24 1.72 16.31 24.09
C ALA A 24 0.81 15.20 24.50
N VAL A 25 0.62 14.22 23.60
CA VAL A 25 -0.21 13.06 23.92
C VAL A 25 0.42 11.88 23.17
N GLY A 26 0.22 10.73 23.77
CA GLY A 26 0.68 9.48 23.20
C GLY A 26 -0.46 8.49 23.14
N TYR A 27 -0.45 7.65 22.10
CA TYR A 27 -1.49 6.72 21.89
C TYR A 27 -0.89 5.35 21.58
N VAL A 28 -1.53 4.28 22.02
CA VAL A 28 -1.32 2.98 21.40
C VAL A 28 -2.61 2.69 20.61
N ASP A 29 -2.50 2.51 19.28
CA ASP A 29 -3.67 2.41 18.37
C ASP A 29 -4.59 3.61 18.63
N ASP A 30 -5.83 3.33 19.00
CA ASP A 30 -6.75 4.44 19.22
C ASP A 30 -6.97 4.72 20.68
N THR A 31 -6.03 4.33 21.54
CA THR A 31 -6.22 4.51 22.96
C THR A 31 -5.18 5.45 23.49
N GLN A 32 -5.59 6.61 24.03
CA GLN A 32 -4.62 7.53 24.62
C GLN A 32 -4.07 6.95 25.93
N PHE A 33 -2.77 7.09 26.17
CA PHE A 33 -2.20 6.58 27.39
C PHE A 33 -1.42 7.56 28.25
N VAL A 34 -1.00 8.68 27.67
CA VAL A 34 -0.21 9.68 28.39
C VAL A 34 -0.57 11.09 27.90
N ARG A 35 -0.37 12.10 28.75
CA ARG A 35 -0.46 13.48 28.24
C ARG A 35 0.46 14.37 29.03
N PHE A 36 0.74 15.52 28.45
CA PHE A 36 1.41 16.64 29.11
C PHE A 36 0.76 17.94 28.60
N ASP A 37 0.49 18.88 29.49
CA ASP A 37 0.01 20.21 29.10
C ASP A 37 0.81 21.20 29.90
N SER A 38 1.40 22.15 29.20
CA SER A 38 2.27 23.17 29.79
C SER A 38 1.48 24.12 30.68
N ASP A 39 0.19 24.24 30.44
CA ASP A 39 -0.62 25.13 31.28
C ASP A 39 -1.21 24.42 32.50
N ALA A 40 -0.94 23.12 32.65
CA ALA A 40 -1.47 22.41 33.81
C ALA A 40 -0.57 22.65 35.04
N ALA A 41 -1.10 22.38 36.23
CA ALA A 41 -0.38 22.62 37.49
C ALA A 41 0.81 21.67 37.70
N SER A 42 0.65 20.42 37.25
CA SER A 42 1.51 19.33 37.68
C SER A 42 2.93 19.44 37.12
N GLN A 43 3.02 19.97 35.90
CA GLN A 43 4.22 19.97 35.10
C GLN A 43 4.85 18.58 34.95
N ARG A 44 4.01 17.54 34.85
CA ARG A 44 4.47 16.16 34.71
C ARG A 44 3.77 15.48 33.56
N MET A 45 4.45 14.51 32.95
CA MET A 45 3.76 13.58 32.09
C MET A 45 2.84 12.77 32.99
N GLU A 46 1.57 12.63 32.58
CA GLU A 46 0.50 12.02 33.40
C GLU A 46 -0.15 10.83 32.69
N PRO A 47 -0.51 9.78 33.46
CA PRO A 47 -1.21 8.61 32.90
C PRO A 47 -2.62 8.95 32.43
N ARG A 48 -3.03 8.33 31.33
CA ARG A 48 -4.42 8.48 30.82
C ARG A 48 -5.05 7.14 30.49
N ALA A 49 -4.35 6.06 30.82
CA ALA A 49 -4.91 4.71 30.63
C ALA A 49 -4.56 3.91 31.87
N PRO A 50 -5.49 3.04 32.35
CA PRO A 50 -5.17 2.32 33.58
C PRO A 50 -3.92 1.41 33.56
N TRP A 51 -3.57 0.82 32.42
CA TRP A 51 -2.42 -0.10 32.37
C TRP A 51 -1.04 0.58 32.33
N ILE A 52 -0.99 1.89 32.13
CA ILE A 52 0.28 2.57 32.18
C ILE A 52 0.60 3.01 33.61
N GLU A 53 -0.40 2.94 34.50
CA GLU A 53 -0.26 3.47 35.86
C GLU A 53 0.74 2.71 36.70
N GLN A 54 0.93 1.44 36.33
CA GLN A 54 1.91 0.52 36.93
C GLN A 54 3.38 0.83 36.63
N GLU A 55 3.67 1.71 35.67
CA GLU A 55 5.05 2.10 35.43
C GLU A 55 5.57 2.85 36.66
N GLY A 56 6.83 2.57 37.03
CA GLY A 56 7.43 3.12 38.25
C GLY A 56 7.91 4.55 38.11
N PRO A 57 8.47 5.10 39.19
CA PRO A 57 8.98 6.49 39.28
C PRO A 57 9.97 6.88 38.18
N GLU A 58 10.91 5.98 37.88
CA GLU A 58 11.91 6.18 36.81
C GLU A 58 11.29 6.51 35.46
N TYR A 59 10.27 5.73 35.07
CA TYR A 59 9.47 5.98 33.88
C TYR A 59 8.90 7.37 33.90
N TRP A 60 8.19 7.75 34.96
CA TRP A 60 7.51 9.07 34.94
C TRP A 60 8.45 10.24 35.01
N ASP A 61 9.52 10.10 35.80
CA ASP A 61 10.59 11.08 35.76
C ASP A 61 11.23 11.19 34.40
N GLY A 62 11.53 10.05 33.78
CA GLY A 62 12.14 10.01 32.47
C GLY A 62 11.26 10.63 31.38
N GLU A 63 9.98 10.25 31.36
CA GLU A 63 9.08 10.78 30.35
C GLU A 63 8.82 12.27 30.56
N THR A 64 8.79 12.71 31.82
CA THR A 64 8.67 14.16 32.11
C THR A 64 9.85 14.96 31.57
N ARG A 65 11.07 14.46 31.77
CA ARG A 65 12.26 15.12 31.22
C ARG A 65 12.22 15.23 29.70
N LYS A 66 11.87 14.13 29.05
CA LYS A 66 11.81 14.11 27.59
C LYS A 66 10.79 15.09 27.06
N VAL A 67 9.63 15.10 27.67
CA VAL A 67 8.54 15.93 27.16
C VAL A 67 8.84 17.44 27.38
N LYS A 68 9.52 17.76 28.49
CA LYS A 68 9.97 19.14 28.73
C LYS A 68 11.02 19.55 27.72
N ALA A 69 11.81 18.58 27.28
CA ALA A 69 12.90 18.84 26.33
C ALA A 69 12.27 19.11 24.98
N HIS A 70 11.24 18.34 24.64
CA HIS A 70 10.45 18.57 23.40
C HIS A 70 9.81 19.96 23.44
N SER A 71 9.30 20.33 24.60
CA SER A 71 8.63 21.61 24.72
C SER A 71 9.60 22.77 24.47
N GLN A 72 10.81 22.67 25.02
CA GLN A 72 11.81 23.68 24.85
C GLN A 72 12.28 23.79 23.42
N THR A 73 12.49 22.67 22.76
CA THR A 73 12.83 22.68 21.36
C THR A 73 11.78 23.38 20.47
N HIS A 74 10.51 23.08 20.69
CA HIS A 74 9.40 23.71 19.95
C HIS A 74 9.29 25.19 20.25
N ARG A 75 9.59 25.59 21.48
CA ARG A 75 9.70 27.02 21.78
C ARG A 75 10.75 27.75 20.96
N VAL A 76 11.93 27.15 20.85
CA VAL A 76 12.95 27.69 19.98
C VAL A 76 12.50 27.68 18.52
N ASP A 77 12.01 26.52 18.06
CA ASP A 77 11.46 26.36 16.68
C ASP A 77 10.50 27.50 16.33
N LEU A 78 9.57 27.85 17.22
CA LEU A 78 8.64 28.95 16.90
C LEU A 78 9.33 30.27 16.49
N GLY A 79 10.43 30.62 17.18
CA GLY A 79 11.18 31.84 16.89
C GLY A 79 11.95 31.61 15.60
N THR A 80 12.54 30.44 15.48
CA THR A 80 13.29 30.12 14.24
C THR A 80 12.44 30.20 12.95
N LEU A 81 11.27 29.59 12.96
CA LEU A 81 10.36 29.56 11.77
C LEU A 81 9.85 30.97 11.43
N ARG A 82 9.59 31.79 12.44
CA ARG A 82 9.28 33.20 12.24
C ARG A 82 10.34 33.90 11.38
N GLY A 83 11.61 33.61 11.70
CA GLY A 83 12.76 34.12 10.97
C GLY A 83 12.84 33.52 9.58
N TYR A 84 12.65 32.22 9.46
CA TYR A 84 12.67 31.59 8.13
C TYR A 84 11.59 32.11 7.18
N TYR A 85 10.42 32.44 7.72
CA TYR A 85 9.33 32.90 6.87
C TYR A 85 9.11 34.42 6.86
N ASN A 86 10.03 35.13 7.52
CA ASN A 86 9.98 36.60 7.74
C ASN A 86 8.59 37.03 8.25
N GLN A 87 8.13 36.39 9.32
CA GLN A 87 6.80 36.72 9.88
C GLN A 87 6.90 37.64 11.08
N SER A 88 5.86 38.42 11.33
CA SER A 88 5.97 39.39 12.40
C SER A 88 5.75 38.78 13.80
N GLU A 89 6.15 39.57 14.78
CA GLU A 89 6.12 39.24 16.20
C GLU A 89 4.70 38.99 16.70
N ALA A 90 3.75 39.61 16.05
CA ALA A 90 2.46 39.79 16.63
C ALA A 90 1.51 38.62 16.44
N GLY A 91 1.70 37.82 15.38
CA GLY A 91 0.71 36.81 15.11
C GLY A 91 0.96 35.46 15.76
N SER A 92 -0.10 34.68 15.95
CA SER A 92 0.01 33.35 16.55
C SER A 92 0.34 32.24 15.54
N HIS A 93 1.33 31.39 15.82
CA HIS A 93 1.69 30.33 14.89
C HIS A 93 1.69 28.97 15.56
N THR A 94 1.70 27.87 14.78
CA THR A 94 1.48 26.57 15.37
C THR A 94 2.57 25.65 14.80
N VAL A 95 3.20 24.87 15.65
CA VAL A 95 4.07 23.77 15.15
C VAL A 95 3.50 22.44 15.68
N GLN A 96 3.59 21.40 14.83
CA GLN A 96 3.07 20.10 15.24
C GLN A 96 4.10 19.12 14.82
N ARG A 97 4.29 18.10 15.68
CA ARG A 97 5.25 17.00 15.39
C ARG A 97 4.56 15.71 15.73
N MET A 98 4.74 14.68 14.91
CA MET A 98 4.17 13.41 15.28
C MET A 98 5.20 12.38 14.88
N TYR A 99 5.30 11.33 15.68
CA TYR A 99 6.19 10.21 15.28
C TYR A 99 5.74 8.94 15.93
N GLY A 100 6.30 7.82 15.48
CA GLY A 100 5.81 6.59 15.99
C GLY A 100 6.10 5.44 15.07
N CYS A 101 5.62 4.25 15.42
CA CYS A 101 6.00 3.10 14.63
C CYS A 101 4.76 2.20 14.49
N ASP A 102 4.76 1.32 13.50
CA ASP A 102 3.66 0.43 13.23
C ASP A 102 4.26 -0.98 13.21
N VAL A 103 3.52 -1.95 13.74
CA VAL A 103 3.90 -3.37 13.68
C VAL A 103 2.74 -4.20 13.20
N GLY A 104 3.03 -5.38 12.66
CA GLY A 104 1.97 -6.16 12.13
C GLY A 104 1.35 -7.04 13.20
N SER A 105 0.57 -8.03 12.74
CA SER A 105 -0.14 -9.00 13.55
C SER A 105 0.80 -9.82 14.41
N ASP A 106 1.98 -10.12 13.87
CA ASP A 106 3.06 -10.76 14.58
C ASP A 106 3.92 -9.88 15.49
N TRP A 107 3.56 -8.60 15.63
CA TRP A 107 4.32 -7.55 16.37
C TRP A 107 5.76 -7.27 15.86
N ARG A 108 6.03 -7.64 14.62
CA ARG A 108 7.28 -7.24 13.99
C ARG A 108 7.11 -5.91 13.24
N PHE A 109 8.20 -5.15 13.18
CA PHE A 109 8.26 -3.80 12.54
C PHE A 109 7.70 -3.71 11.11
N LEU A 110 6.81 -2.75 10.87
CA LEU A 110 6.33 -2.48 9.51
C LEU A 110 7.06 -1.25 9.00
N ARG A 111 6.79 -0.13 9.66
CA ARG A 111 7.35 1.13 9.26
C ARG A 111 7.36 2.13 10.41
N GLY A 112 8.16 3.21 10.28
CA GLY A 112 8.09 4.28 11.25
C GLY A 112 7.93 5.59 10.53
N TYR A 113 7.64 6.62 11.34
CA TYR A 113 7.37 7.95 10.79
C TYR A 113 7.78 9.01 11.77
N HIS A 114 8.14 10.16 11.23
CA HIS A 114 8.50 11.26 12.09
C HIS A 114 8.26 12.47 11.20
N GLN A 115 7.26 13.29 11.52
CA GLN A 115 6.78 14.30 10.59
C GLN A 115 6.56 15.62 11.36
N TYR A 116 6.68 16.75 10.67
CA TYR A 116 6.57 18.06 11.30
C TYR A 116 5.80 18.98 10.37
N ALA A 117 5.01 19.88 10.97
CA ALA A 117 4.15 20.77 10.27
C ALA A 117 4.25 22.14 10.85
N TYR A 118 4.22 23.15 9.99
CA TYR A 118 4.16 24.55 10.55
C TYR A 118 2.92 25.16 10.01
N ASP A 119 2.09 25.76 10.88
CA ASP A 119 0.81 26.35 10.54
C ASP A 119 -0.10 25.47 9.62
N GLY A 120 -0.19 24.20 9.95
CA GLY A 120 -1.17 23.33 9.35
C GLY A 120 -0.70 22.64 8.08
N LYS A 121 0.56 22.82 7.72
CA LYS A 121 1.06 22.30 6.43
C LYS A 121 2.30 21.48 6.69
N ASP A 122 2.52 20.41 5.91
CA ASP A 122 3.80 19.71 5.94
C ASP A 122 4.99 20.67 5.89
N TYR A 123 5.97 20.45 6.76
CA TYR A 123 7.23 21.16 6.77
C TYR A 123 8.33 20.16 6.40
N ILE A 124 8.61 19.19 7.30
CA ILE A 124 9.64 18.18 6.99
C ILE A 124 9.24 16.80 7.59
N ALA A 125 9.65 15.71 6.93
CA ALA A 125 9.25 14.38 7.35
C ALA A 125 10.36 13.41 6.95
N LEU A 126 10.63 12.45 7.81
CA LEU A 126 11.53 11.36 7.48
C LEU A 126 10.90 10.50 6.41
N LYS A 127 11.70 10.07 5.45
CA LYS A 127 11.18 9.26 4.39
C LYS A 127 11.07 7.86 4.95
N GLU A 128 10.42 6.98 4.19
CA GLU A 128 10.13 5.62 4.63
C GLU A 128 11.38 4.78 4.95
N ASP A 129 12.52 5.08 4.31
CA ASP A 129 13.81 4.40 4.58
C ASP A 129 14.44 4.78 5.92
N LEU A 130 13.88 5.84 6.53
CA LEU A 130 14.35 6.40 7.79
C LEU A 130 15.81 6.90 7.73
N ARG A 131 16.25 7.25 6.52
CA ARG A 131 17.59 7.75 6.32
C ARG A 131 17.62 9.10 5.61
N SER A 132 16.48 9.63 5.18
CA SER A 132 16.51 10.89 4.44
C SER A 132 15.22 11.59 4.65
N TRP A 133 15.19 12.82 4.16
CA TRP A 133 14.10 13.72 4.53
C TRP A 133 13.33 14.22 3.32
N THR A 134 12.03 14.48 3.50
CA THR A 134 11.26 15.19 2.48
C THR A 134 10.98 16.56 3.05
N ALA A 135 11.43 17.62 2.38
CA ALA A 135 11.29 18.98 2.88
C ALA A 135 10.34 19.66 1.91
N ALA A 136 9.29 20.27 2.43
CA ALA A 136 8.19 20.70 1.61
C ALA A 136 8.27 22.12 0.97
N ASP A 137 9.25 22.94 1.34
CA ASP A 137 9.46 24.27 0.74
C ASP A 137 10.88 24.71 1.01
N MET A 138 11.25 25.94 0.68
CA MET A 138 12.65 26.26 0.80
C MET A 138 13.12 26.41 2.25
N ALA A 139 12.26 26.90 3.15
CA ALA A 139 12.66 27.01 4.56
C ALA A 139 12.93 25.63 5.12
N ALA A 140 12.14 24.65 4.74
CA ALA A 140 12.37 23.28 5.21
C ALA A 140 13.65 22.66 4.70
N GLN A 141 14.10 23.09 3.52
CA GLN A 141 15.38 22.67 3.01
C GLN A 141 16.53 23.15 3.93
N THR A 142 16.43 24.36 4.47
CA THR A 142 17.38 24.83 5.47
C THR A 142 17.47 23.88 6.67
N THR A 143 16.31 23.49 7.17
CA THR A 143 16.17 22.54 8.27
C THR A 143 16.78 21.17 7.88
N LYS A 144 16.45 20.71 6.69
CA LYS A 144 17.10 19.46 6.17
C LYS A 144 18.62 19.53 6.18
N HIS A 145 19.22 20.63 5.67
CA HIS A 145 20.63 20.76 5.70
C HIS A 145 21.22 20.65 7.08
N LYS A 146 20.63 21.35 8.04
CA LYS A 146 21.11 21.32 9.44
C LYS A 146 20.93 19.94 10.04
N TRP A 147 19.80 19.31 9.73
CA TRP A 147 19.53 17.95 10.31
C TRP A 147 20.40 16.87 9.66
N GLU A 148 20.76 17.06 8.38
CA GLU A 148 21.67 16.13 7.76
C GLU A 148 23.09 16.29 8.32
N ALA A 149 23.55 17.53 8.47
CA ALA A 149 24.87 17.81 9.08
C ALA A 149 25.00 17.24 10.53
N ALA A 150 23.89 17.19 11.25
CA ALA A 150 23.82 16.74 12.65
C ALA A 150 23.46 15.27 12.81
N HIS A 151 23.26 14.57 11.68
CA HIS A 151 22.99 13.10 11.70
C HIS A 151 21.77 12.76 12.53
N VAL A 152 20.71 13.57 12.39
CA VAL A 152 19.47 13.37 13.13
C VAL A 152 18.76 12.05 12.73
N ALA A 153 18.75 11.74 11.44
CA ALA A 153 17.99 10.59 10.94
C ALA A 153 18.48 9.29 11.58
N GLU A 154 19.79 9.22 11.83
CA GLU A 154 20.36 8.03 12.44
C GLU A 154 19.86 7.74 13.84
N GLN A 155 19.67 8.78 14.66
CA GLN A 155 19.23 8.54 16.02
C GLN A 155 17.71 8.32 16.03
N LEU A 156 17.02 8.98 15.10
CA LEU A 156 15.58 8.73 14.97
C LEU A 156 15.28 7.30 14.52
N ARG A 157 16.04 6.83 13.56
CA ARG A 157 15.91 5.46 13.09
C ARG A 157 16.19 4.42 14.16
N ALA A 158 17.22 4.62 14.97
CA ALA A 158 17.48 3.72 16.13
C ALA A 158 16.30 3.64 17.14
N TYR A 159 15.66 4.78 17.38
CA TYR A 159 14.47 4.81 18.17
C TYR A 159 13.28 4.12 17.48
N LEU A 160 12.98 4.52 16.25
CA LEU A 160 11.80 4.00 15.54
C LEU A 160 11.81 2.49 15.30
N GLU A 161 12.97 1.94 14.98
CA GLU A 161 13.08 0.50 14.69
C GLU A 161 13.42 -0.35 15.91
N GLY A 162 13.82 0.29 17.01
CA GLY A 162 14.26 -0.43 18.22
C GLY A 162 13.37 -0.13 19.41
N THR A 163 13.74 0.91 20.16
CA THR A 163 13.02 1.42 21.34
C THR A 163 11.52 1.50 21.16
N CYS A 164 11.10 2.16 20.08
CA CYS A 164 9.66 2.40 19.84
C CYS A 164 8.90 1.09 19.79
N VAL A 165 9.41 0.12 19.04
CA VAL A 165 8.76 -1.18 18.86
C VAL A 165 8.79 -1.98 20.16
N GLU A 166 9.87 -1.81 20.91
CA GLU A 166 10.01 -2.52 22.17
C GLU A 166 9.06 -2.04 23.24
N TRP A 167 8.87 -0.73 23.34
CA TRP A 167 7.93 -0.22 24.26
C TRP A 167 6.53 -0.55 23.80
N LEU A 168 6.27 -0.48 22.49
CA LEU A 168 4.92 -0.81 21.98
C LEU A 168 4.54 -2.21 22.41
N ARG A 169 5.43 -3.17 22.19
CA ARG A 169 5.19 -4.55 22.64
C ARG A 169 4.92 -4.71 24.14
N ARG A 170 5.65 -3.94 24.95
CA ARG A 170 5.46 -3.95 26.38
C ARG A 170 4.07 -3.42 26.69
N TYR A 171 3.69 -2.32 26.07
CA TYR A 171 2.35 -1.73 26.32
C TYR A 171 1.23 -2.68 25.92
N LEU A 172 1.41 -3.34 24.78
CA LEU A 172 0.43 -4.27 24.24
C LEU A 172 0.24 -5.45 25.17
N GLU A 173 1.32 -5.92 25.80
CA GLU A 173 1.27 -7.01 26.78
C GLU A 173 0.61 -6.57 28.07
N ASN A 174 1.06 -5.45 28.62
CA ASN A 174 0.52 -4.92 29.87
C ASN A 174 -0.93 -4.47 29.80
N GLY A 175 -1.31 -3.99 28.62
CA GLY A 175 -2.60 -3.39 28.41
C GLY A 175 -3.47 -4.29 27.57
N LYS A 176 -3.22 -5.60 27.65
CA LYS A 176 -3.83 -6.55 26.71
C LYS A 176 -5.34 -6.64 26.69
N GLU A 177 -5.99 -6.55 27.85
CA GLU A 177 -7.45 -6.57 27.93
C GLU A 177 -8.10 -5.38 27.18
N THR A 178 -7.45 -4.23 27.22
CA THR A 178 -7.87 -2.99 26.56
C THR A 178 -7.39 -2.98 25.13
N LEU A 179 -6.12 -3.32 24.91
CA LEU A 179 -5.54 -2.99 23.64
C LEU A 179 -5.67 -4.09 22.62
N GLN A 180 -5.73 -5.35 23.07
CA GLN A 180 -5.76 -6.47 22.14
C GLN A 180 -7.19 -6.91 21.86
N ARG A 181 -8.14 -6.10 22.29
CA ARG A 181 -9.52 -6.48 22.10
C ARG A 181 -9.97 -6.04 20.73
N THR A 182 -11.07 -6.62 20.29
CA THR A 182 -11.73 -6.10 19.12
C THR A 182 -13.19 -6.14 19.46
N ASP A 183 -13.90 -5.03 19.29
CA ASP A 183 -15.32 -5.04 19.53
C ASP A 183 -15.93 -4.76 18.18
N ALA A 184 -16.73 -5.70 17.69
CA ALA A 184 -17.37 -5.59 16.38
C ALA A 184 -18.50 -4.58 16.48
N PRO A 185 -18.75 -3.84 15.43
CA PRO A 185 -19.81 -2.83 15.48
C PRO A 185 -21.21 -3.42 15.65
N LYS A 186 -22.08 -2.73 16.38
CA LYS A 186 -23.49 -3.09 16.42
C LYS A 186 -24.16 -2.23 15.40
N THR A 187 -24.74 -2.86 14.37
CA THR A 187 -25.22 -2.09 13.24
C THR A 187 -26.74 -2.08 13.15
N HIS A 188 -27.26 -0.98 12.58
CA HIS A 188 -28.67 -0.86 12.23
C HIS A 188 -28.85 0.28 11.25
N MET A 189 -30.00 0.35 10.61
CA MET A 189 -30.23 1.48 9.72
C MET A 189 -31.52 2.19 10.20
N THR A 190 -31.63 3.51 10.03
CA THR A 190 -32.86 4.17 10.43
C THR A 190 -33.47 4.81 9.16
N HIS A 191 -34.76 5.09 9.20
CA HIS A 191 -35.46 5.61 8.06
C HIS A 191 -36.33 6.72 8.60
N HIS A 192 -36.20 7.92 8.02
CA HIS A 192 -37.13 9.04 8.38
C HIS A 192 -37.52 9.85 7.15
N ALA A 193 -38.81 10.12 6.97
CA ALA A 193 -39.24 10.80 5.77
C ALA A 193 -38.77 12.25 5.90
N VAL A 194 -38.30 12.87 4.82
CA VAL A 194 -38.02 14.30 4.91
C VAL A 194 -39.09 15.13 4.21
N SER A 195 -39.95 14.46 3.46
CA SER A 195 -41.14 15.00 2.82
C SER A 195 -41.99 13.79 2.44
N ASP A 196 -43.06 14.00 1.66
CA ASP A 196 -43.85 12.83 1.22
C ASP A 196 -43.27 12.15 -0.03
N HIS A 197 -42.13 12.62 -0.51
CA HIS A 197 -41.50 11.95 -1.61
C HIS A 197 -40.07 11.56 -1.34
N GLU A 198 -39.48 12.01 -0.23
CA GLU A 198 -38.08 11.65 0.04
C GLU A 198 -37.83 11.18 1.47
N ALA A 199 -36.85 10.28 1.65
CA ALA A 199 -36.55 9.74 2.95
C ALA A 199 -35.04 9.68 3.15
N THR A 200 -34.59 9.91 4.39
CA THR A 200 -33.19 9.75 4.78
C THR A 200 -32.97 8.34 5.31
N LEU A 201 -31.97 7.64 4.77
CA LEU A 201 -31.63 6.32 5.25
C LEU A 201 -30.27 6.53 5.87
N ARG A 202 -30.10 6.15 7.12
CA ARG A 202 -28.81 6.37 7.77
C ARG A 202 -28.35 5.03 8.31
N CYS A 203 -27.13 4.62 7.95
CA CYS A 203 -26.59 3.36 8.37
C CYS A 203 -25.66 3.64 9.53
N TRP A 204 -25.86 2.95 10.66
CA TRP A 204 -25.15 3.20 11.89
C TRP A 204 -24.22 2.04 12.28
N ALA A 205 -23.01 2.36 12.80
CA ALA A 205 -22.17 1.35 13.49
C ALA A 205 -21.86 1.95 14.85
N LEU A 206 -22.09 1.17 15.91
CA LEU A 206 -21.94 1.64 17.28
C LEU A 206 -21.07 0.67 18.05
N SER A 207 -20.46 1.19 19.11
CA SER A 207 -19.72 0.42 20.10
C SER A 207 -18.57 -0.40 19.56
N PHE A 208 -17.83 0.14 18.62
CA PHE A 208 -16.74 -0.64 18.02
C PHE A 208 -15.33 -0.20 18.38
N TYR A 209 -14.38 -1.13 18.33
CA TYR A 209 -12.99 -0.85 18.56
C TYR A 209 -12.21 -1.94 17.76
N PRO A 210 -11.08 -1.56 17.10
CA PRO A 210 -10.50 -0.19 16.95
C PRO A 210 -11.29 0.71 16.03
N ALA A 211 -10.79 1.93 15.80
CA ALA A 211 -11.62 2.97 15.16
C ALA A 211 -11.82 2.71 13.68
N GLU A 212 -10.89 1.97 13.07
CA GLU A 212 -10.92 1.80 11.63
C GLU A 212 -12.17 1.09 11.19
N ILE A 213 -12.92 1.67 10.26
CA ILE A 213 -14.17 1.06 9.77
C ILE A 213 -14.52 1.61 8.39
N THR A 214 -15.19 0.80 7.55
CA THR A 214 -15.73 1.30 6.31
C THR A 214 -17.25 1.12 6.29
N LEU A 215 -17.97 2.20 6.04
CA LEU A 215 -19.42 2.25 5.85
C LEU A 215 -19.71 2.72 4.45
N THR A 216 -20.48 1.96 3.64
CA THR A 216 -20.79 2.41 2.26
C THR A 216 -22.26 2.13 1.94
N TRP A 217 -22.86 2.90 1.04
CA TRP A 217 -24.19 2.63 0.56
C TRP A 217 -24.08 2.15 -0.90
N GLN A 218 -24.84 1.12 -1.25
CA GLN A 218 -25.03 0.75 -2.68
C GLN A 218 -26.45 0.94 -3.12
N ARG A 219 -26.69 1.24 -4.41
CA ARG A 219 -28.03 1.28 -4.99
C ARG A 219 -27.96 0.31 -6.12
N ASP A 220 -28.71 -0.79 -6.03
CA ASP A 220 -28.61 -1.89 -7.03
C ASP A 220 -27.18 -2.37 -7.16
N GLY A 221 -26.48 -2.37 -6.04
CA GLY A 221 -25.08 -2.76 -6.01
C GLY A 221 -24.05 -1.76 -6.55
N GLU A 222 -24.48 -0.57 -6.97
CA GLU A 222 -23.57 0.43 -7.54
C GLU A 222 -23.18 1.40 -6.36
N ASP A 223 -21.90 1.69 -6.14
CA ASP A 223 -21.56 2.55 -4.97
C ASP A 223 -22.13 3.98 -5.11
N GLN A 224 -22.58 4.56 -4.00
CA GLN A 224 -23.24 5.88 -3.97
C GLN A 224 -22.39 6.91 -3.25
N THR A 225 -21.11 6.87 -3.51
CA THR A 225 -20.14 7.63 -2.73
C THR A 225 -20.34 9.16 -2.84
N GLN A 226 -20.67 9.66 -4.03
CA GLN A 226 -20.96 11.10 -4.22
C GLN A 226 -22.25 11.57 -3.53
N ASP A 227 -23.11 10.62 -3.21
CA ASP A 227 -24.41 10.92 -2.65
C ASP A 227 -24.53 10.62 -1.18
N THR A 228 -23.41 10.21 -0.59
CA THR A 228 -23.45 9.76 0.79
C THR A 228 -22.85 10.84 1.66
N GLU A 229 -23.52 11.15 2.76
CA GLU A 229 -22.94 11.98 3.81
C GLU A 229 -22.31 11.04 4.82
N LEU A 230 -21.01 11.16 5.07
CA LEU A 230 -20.29 10.21 5.92
C LEU A 230 -19.71 11.01 7.03
N VAL A 231 -20.05 10.76 8.29
CA VAL A 231 -19.45 11.61 9.34
C VAL A 231 -18.13 11.04 9.81
N GLU A 232 -17.33 11.89 10.43
CA GLU A 232 -16.06 11.48 10.99
C GLU A 232 -16.31 10.47 12.12
N THR A 233 -15.50 9.42 12.15
CA THR A 233 -15.60 8.45 13.25
C THR A 233 -15.38 9.17 14.57
N ARG A 234 -16.26 8.92 15.53
CA ARG A 234 -16.30 9.72 16.75
C ARG A 234 -16.24 8.84 18.00
N PRO A 235 -15.59 9.32 19.08
CA PRO A 235 -15.46 8.60 20.31
C PRO A 235 -16.76 8.57 21.06
N ALA A 236 -17.13 7.39 21.56
CA ALA A 236 -18.35 7.29 22.41
C ALA A 236 -18.01 7.83 23.80
N GLY A 237 -16.74 7.75 24.19
CA GLY A 237 -16.27 8.29 25.46
C GLY A 237 -15.88 7.16 26.39
N ASP A 238 -16.23 5.93 26.04
CA ASP A 238 -15.97 4.73 26.87
C ASP A 238 -14.89 3.80 26.29
N GLY A 239 -14.12 4.28 25.32
CA GLY A 239 -13.15 3.45 24.69
C GLY A 239 -13.61 2.86 23.35
N THR A 240 -14.86 3.09 22.97
CA THR A 240 -15.36 2.53 21.72
C THR A 240 -15.77 3.71 20.79
N PHE A 241 -16.09 3.37 19.54
CA PHE A 241 -16.34 4.42 18.51
C PHE A 241 -17.70 4.28 17.87
N GLN A 242 -18.14 5.35 17.21
CA GLN A 242 -19.40 5.38 16.47
C GLN A 242 -19.13 6.00 15.09
N LYS A 243 -19.99 5.67 14.12
CA LYS A 243 -19.97 6.26 12.78
C LYS A 243 -21.31 6.02 12.13
N TRP A 244 -21.74 6.97 11.32
CA TRP A 244 -22.86 6.73 10.43
C TRP A 244 -22.64 7.24 9.03
N ALA A 245 -23.44 6.75 8.08
CA ALA A 245 -23.45 7.25 6.70
C ALA A 245 -24.87 7.41 6.24
N ALA A 246 -25.23 8.47 5.53
CA ALA A 246 -26.63 8.65 5.13
C ALA A 246 -26.78 8.99 3.66
N VAL A 247 -27.93 8.64 3.07
CA VAL A 247 -28.30 9.05 1.72
C VAL A 247 -29.77 9.48 1.79
N VAL A 248 -30.15 10.40 0.94
CA VAL A 248 -31.55 10.81 0.80
C VAL A 248 -32.07 10.19 -0.51
N VAL A 249 -33.20 9.50 -0.42
CA VAL A 249 -33.61 8.52 -1.40
C VAL A 249 -35.05 8.87 -1.75
N PRO A 250 -35.48 8.66 -3.02
CA PRO A 250 -36.94 8.74 -3.27
C PRO A 250 -37.73 7.68 -2.48
N SER A 251 -38.78 8.08 -1.75
CA SER A 251 -39.70 7.13 -1.11
C SER A 251 -40.20 6.03 -2.08
N GLY A 252 -40.20 4.76 -1.65
CA GLY A 252 -40.53 3.67 -2.58
C GLY A 252 -39.31 2.91 -3.07
N GLN A 253 -38.14 3.56 -3.02
CA GLN A 253 -36.92 2.93 -3.56
C GLN A 253 -36.04 2.33 -2.49
N GLU A 254 -36.49 2.30 -1.24
CA GLU A 254 -35.66 1.83 -0.12
C GLU A 254 -35.00 0.47 -0.40
N GLN A 255 -35.72 -0.42 -1.06
CA GLN A 255 -35.29 -1.80 -1.17
C GLN A 255 -34.17 -1.94 -2.16
N ARG A 256 -33.94 -0.90 -2.98
CA ARG A 256 -32.75 -0.81 -3.82
C ARG A 256 -31.44 -0.52 -3.05
N TYR A 257 -31.54 0.01 -1.82
CA TYR A 257 -30.36 0.47 -1.12
C TYR A 257 -29.90 -0.49 -0.02
N THR A 258 -28.61 -0.76 0.01
CA THR A 258 -28.03 -1.63 1.01
C THR A 258 -26.86 -0.92 1.63
N CYS A 259 -26.60 -1.15 2.92
CA CYS A 259 -25.48 -0.55 3.61
C CYS A 259 -24.45 -1.62 3.86
N HIS A 260 -23.18 -1.30 3.74
CA HIS A 260 -22.14 -2.32 3.82
C HIS A 260 -21.13 -1.90 4.86
N VAL A 261 -20.85 -2.80 5.80
CA VAL A 261 -19.99 -2.52 6.93
C VAL A 261 -18.80 -3.49 6.97
N GLN A 262 -17.60 -2.95 7.05
CA GLN A 262 -16.35 -3.75 7.19
C GLN A 262 -15.64 -3.31 8.47
N HIS A 263 -15.25 -4.28 9.29
CA HIS A 263 -14.54 -4.02 10.51
C HIS A 263 -13.83 -5.30 10.88
N GLU A 264 -12.68 -5.17 11.52
CA GLU A 264 -11.89 -6.32 11.89
C GLU A 264 -12.52 -7.26 12.91
N GLY A 265 -13.49 -6.80 13.67
CA GLY A 265 -14.23 -7.67 14.56
C GLY A 265 -15.34 -8.46 13.93
N LEU A 266 -15.72 -8.10 12.71
CA LEU A 266 -16.70 -8.87 12.01
C LEU A 266 -15.98 -10.05 11.37
N PRO A 267 -16.51 -11.27 11.56
CA PRO A 267 -16.07 -12.46 10.83
C PRO A 267 -16.29 -12.36 9.31
N LYS A 268 -17.34 -11.65 8.92
CA LYS A 268 -17.68 -11.42 7.51
C LYS A 268 -18.15 -9.98 7.46
N PRO A 269 -17.87 -9.25 6.35
CA PRO A 269 -18.45 -7.91 6.16
C PRO A 269 -19.98 -8.02 6.13
N LEU A 270 -20.67 -7.07 6.72
CA LEU A 270 -22.13 -7.14 6.81
C LEU A 270 -22.82 -6.40 5.67
N THR A 271 -24.00 -6.86 5.32
CA THR A 271 -24.84 -6.14 4.39
C THR A 271 -26.18 -5.98 5.06
N LEU A 272 -26.63 -4.74 5.23
CA LEU A 272 -27.93 -4.52 5.85
C LEU A 272 -28.86 -4.08 4.76
N ARG A 273 -30.09 -4.56 4.81
CA ARG A 273 -31.04 -4.36 3.71
C ARG A 273 -32.36 -3.87 4.25
N TRP A 274 -33.20 -3.35 3.37
CA TRP A 274 -34.51 -2.86 3.82
C TRP A 274 -35.61 -3.83 3.47
N GLU A 275 -35.24 -5.02 3.05
CA GLU A 275 -36.19 -6.10 2.75
C GLU A 275 -35.64 -7.36 3.37
N MET B 1 -2.94 32.34 6.40
CA MET B 1 -2.82 30.99 6.98
C MET B 1 -3.93 30.07 6.58
N ILE B 2 -3.60 28.79 6.63
CA ILE B 2 -4.54 27.70 6.64
C ILE B 2 -5.54 27.87 7.75
N GLN B 3 -6.80 27.76 7.38
CA GLN B 3 -7.88 27.64 8.33
C GLN B 3 -8.81 26.54 7.85
N ARG B 4 -9.22 25.66 8.77
CA ARG B 4 -10.12 24.58 8.49
C ARG B 4 -11.27 24.58 9.49
N THR B 5 -12.50 24.49 8.98
CA THR B 5 -13.71 24.64 9.82
C THR B 5 -13.96 23.37 10.68
N PRO B 6 -14.32 23.53 11.97
CA PRO B 6 -14.68 22.36 12.80
C PRO B 6 -15.92 21.67 12.24
N LYS B 7 -15.84 20.35 12.18
CA LYS B 7 -17.01 19.51 11.88
C LYS B 7 -17.58 19.10 13.25
N ILE B 8 -18.84 19.42 13.50
CA ILE B 8 -19.38 19.36 14.85
C ILE B 8 -20.42 18.25 14.95
N GLN B 9 -20.29 17.39 15.95
CA GLN B 9 -21.31 16.33 16.20
C GLN B 9 -21.72 16.32 17.64
N VAL B 10 -23.03 16.30 17.88
CA VAL B 10 -23.57 16.23 19.26
C VAL B 10 -24.39 14.96 19.39
N TYR B 11 -24.09 14.16 20.40
CA TYR B 11 -24.69 12.83 20.49
C TYR B 11 -24.50 12.27 21.90
N SER B 12 -25.27 11.24 22.21
CA SER B 12 -25.12 10.58 23.48
C SER B 12 -24.24 9.33 23.34
N ARG B 13 -23.56 9.00 24.46
CA ARG B 13 -22.70 7.81 24.50
C ARG B 13 -23.48 6.51 24.24
N HIS B 14 -24.65 6.39 24.88
CA HIS B 14 -25.52 5.22 24.75
C HIS B 14 -26.84 5.68 24.15
N PRO B 15 -27.62 4.74 23.54
CA PRO B 15 -29.00 5.05 23.16
C PRO B 15 -29.80 5.63 24.33
N ALA B 16 -30.46 6.74 24.04
CA ALA B 16 -30.99 7.58 25.09
C ALA B 16 -32.37 7.10 25.45
N GLU B 17 -32.65 7.12 26.74
CA GLU B 17 -33.89 6.61 27.31
C GLU B 17 -34.23 7.60 28.40
N ASN B 18 -35.45 8.16 28.36
CA ASN B 18 -35.86 9.19 29.33
C ASN B 18 -35.69 8.69 30.77
N GLY B 19 -35.01 9.48 31.61
CA GLY B 19 -34.84 9.15 33.03
C GLY B 19 -33.62 8.32 33.31
N LYS B 20 -32.88 7.96 32.27
CA LYS B 20 -31.72 7.10 32.46
C LYS B 20 -30.43 7.83 32.14
N SER B 21 -29.56 7.95 33.13
CA SER B 21 -28.32 8.68 33.01
C SER B 21 -27.43 8.15 31.90
N ASN B 22 -26.71 9.10 31.29
CA ASN B 22 -26.05 8.88 30.03
C ASN B 22 -24.94 9.96 29.96
N PHE B 23 -24.29 10.11 28.82
CA PHE B 23 -23.31 11.11 28.63
C PHE B 23 -23.59 11.79 27.33
N LEU B 24 -23.50 13.10 27.38
CA LEU B 24 -23.70 13.95 26.26
C LEU B 24 -22.38 14.37 25.70
N ASN B 25 -22.13 14.13 24.40
CA ASN B 25 -20.84 14.42 23.78
C ASN B 25 -20.95 15.52 22.73
N CYS B 26 -19.93 16.36 22.63
CA CYS B 26 -19.79 17.25 21.47
C CYS B 26 -18.37 16.98 20.96
N TYR B 27 -18.31 16.42 19.76
CA TYR B 27 -17.06 16.05 19.18
C TYR B 27 -16.77 17.07 18.07
N VAL B 28 -15.63 17.73 18.13
CA VAL B 28 -15.32 18.75 17.10
C VAL B 28 -14.07 18.27 16.38
N SER B 29 -14.13 18.14 15.09
CA SER B 29 -12.89 17.64 14.45
C SER B 29 -12.57 18.42 13.21
N GLY B 30 -11.34 18.24 12.71
CA GLY B 30 -11.03 18.72 11.37
C GLY B 30 -10.71 20.19 11.32
N PHE B 31 -10.42 20.80 12.48
CA PHE B 31 -10.18 22.23 12.50
C PHE B 31 -8.72 22.66 12.59
N HIS B 32 -8.49 23.93 12.23
CA HIS B 32 -7.17 24.54 12.32
C HIS B 32 -7.42 26.05 12.21
N PRO B 33 -6.78 26.88 13.05
CA PRO B 33 -5.81 26.58 14.11
C PRO B 33 -6.56 26.02 15.36
N SER B 34 -5.85 25.80 16.48
CA SER B 34 -6.39 24.97 17.54
C SER B 34 -7.27 25.74 18.52
N ASP B 35 -7.26 27.05 18.44
CA ASP B 35 -8.10 27.78 19.40
C ASP B 35 -9.57 27.65 19.01
N ILE B 36 -10.37 27.15 19.95
CA ILE B 36 -11.78 26.88 19.69
C ILE B 36 -12.51 27.01 21.03
N GLU B 37 -13.78 27.43 20.98
CA GLU B 37 -14.62 27.55 22.15
C GLU B 37 -15.78 26.63 21.91
N VAL B 38 -16.03 25.75 22.87
CA VAL B 38 -17.10 24.78 22.76
C VAL B 38 -17.87 24.77 24.07
N ASP B 39 -19.18 25.04 24.01
CA ASP B 39 -20.03 24.85 25.21
C ASP B 39 -21.14 23.83 24.96
N LEU B 40 -21.48 23.04 25.96
CA LEU B 40 -22.65 22.18 25.92
C LEU B 40 -23.77 22.97 26.59
N LEU B 41 -24.96 22.93 25.97
CA LEU B 41 -26.10 23.73 26.44
C LEU B 41 -27.28 22.86 26.86
N LYS B 42 -27.97 23.30 27.89
CA LYS B 42 -29.19 22.66 28.36
C LYS B 42 -30.21 23.77 28.39
N ASN B 43 -31.25 23.63 27.53
CA ASN B 43 -32.28 24.67 27.31
C ASN B 43 -31.66 26.03 27.09
N GLY B 44 -30.59 26.03 26.30
CA GLY B 44 -29.83 27.24 25.93
C GLY B 44 -28.82 27.76 26.96
N GLU B 45 -28.75 27.16 28.14
CA GLU B 45 -27.81 27.64 29.16
C GLU B 45 -26.58 26.80 29.18
N ARG B 46 -25.42 27.42 29.34
CA ARG B 46 -24.15 26.72 29.40
C ARG B 46 -24.05 25.74 30.59
N ILE B 47 -23.72 24.47 30.33
CA ILE B 47 -23.47 23.51 31.42
C ILE B 47 -22.04 23.68 31.93
N GLU B 48 -21.90 23.96 33.22
CA GLU B 48 -20.58 24.24 33.75
C GLU B 48 -19.70 23.04 34.06
N LYS B 49 -20.31 21.88 34.38
CA LYS B 49 -19.50 20.68 34.68
C LYS B 49 -19.23 19.91 33.39
N VAL B 50 -18.47 20.52 32.50
CA VAL B 50 -18.11 19.84 31.25
C VAL B 50 -16.62 19.54 31.26
N GLU B 51 -16.22 18.35 30.80
CA GLU B 51 -14.83 17.97 30.72
C GLU B 51 -14.44 17.87 29.24
N HIS B 52 -13.15 17.95 28.92
CA HIS B 52 -12.79 17.75 27.54
C HIS B 52 -11.51 16.94 27.44
N SER B 53 -11.32 16.36 26.28
CA SER B 53 -10.17 15.55 26.02
C SER B 53 -8.92 16.40 25.78
N ASP B 54 -7.77 15.72 25.81
CA ASP B 54 -6.55 16.41 25.48
C ASP B 54 -6.45 16.61 23.99
N LEU B 55 -6.04 17.83 23.59
CA LEU B 55 -5.83 18.19 22.17
C LEU B 55 -4.87 17.25 21.41
N SER B 56 -5.37 16.77 20.28
CA SER B 56 -4.58 15.85 19.42
C SER B 56 -4.95 16.20 18.00
N PHE B 57 -4.37 15.50 17.06
CA PHE B 57 -4.63 15.85 15.68
C PHE B 57 -4.55 14.60 14.79
N SER B 58 -5.13 14.69 13.62
CA SER B 58 -5.22 13.58 12.68
C SER B 58 -4.09 13.64 11.71
N LYS B 59 -4.09 12.68 10.76
CA LYS B 59 -2.94 12.48 9.86
C LYS B 59 -2.75 13.69 8.94
N ASP B 60 -3.81 14.48 8.75
CA ASP B 60 -3.74 15.65 7.91
C ASP B 60 -3.47 16.96 8.69
N TRP B 61 -3.09 16.79 9.97
CA TRP B 61 -2.73 17.84 10.92
C TRP B 61 -3.92 18.61 11.52
N SER B 62 -5.13 18.27 11.14
CA SER B 62 -6.24 19.03 11.67
C SER B 62 -6.57 18.53 13.07
N PHE B 63 -7.06 19.43 13.95
CA PHE B 63 -7.30 19.09 15.34
C PHE B 63 -8.63 18.42 15.63
N TYR B 64 -8.68 17.70 16.74
CA TYR B 64 -9.96 17.16 17.22
C TYR B 64 -9.98 17.25 18.71
N LEU B 65 -11.19 17.38 19.24
CA LEU B 65 -11.46 17.49 20.70
C LEU B 65 -12.84 16.91 21.03
N LEU B 66 -12.97 16.26 22.19
CA LEU B 66 -14.25 15.76 22.67
C LEU B 66 -14.62 16.49 23.98
N TYR B 67 -15.77 17.15 23.97
CA TYR B 67 -16.31 17.72 25.23
C TYR B 67 -17.44 16.84 25.71
N TYR B 68 -17.58 16.64 27.02
CA TYR B 68 -18.56 15.68 27.49
C TYR B 68 -19.05 16.00 28.87
N THR B 69 -20.29 15.62 29.15
CA THR B 69 -20.90 15.77 30.47
C THR B 69 -21.88 14.63 30.68
N GLU B 70 -22.05 14.25 31.95
CA GLU B 70 -23.08 13.28 32.36
C GLU B 70 -24.43 13.99 32.28
N PHE B 71 -25.46 13.32 31.77
CA PHE B 71 -26.80 13.91 31.71
C PHE B 71 -27.89 12.88 31.78
N THR B 72 -29.07 13.32 32.15
CA THR B 72 -30.19 12.41 32.17
C THR B 72 -31.25 13.03 31.30
N PRO B 73 -31.45 12.48 30.09
CA PRO B 73 -32.41 12.90 29.09
C PRO B 73 -33.84 12.87 29.62
N THR B 74 -34.63 13.88 29.26
CA THR B 74 -36.07 13.89 29.52
C THR B 74 -36.77 14.22 28.20
N GLU B 75 -38.10 14.08 28.20
CA GLU B 75 -38.94 14.53 27.10
C GLU B 75 -38.80 16.02 26.76
N LYS B 76 -38.74 16.87 27.78
CA LYS B 76 -38.80 18.32 27.59
C LYS B 76 -37.46 19.06 27.34
N ASP B 77 -36.37 18.56 27.93
CA ASP B 77 -35.11 19.32 27.95
C ASP B 77 -34.39 19.20 26.62
N GLU B 78 -33.95 20.35 26.11
CA GLU B 78 -33.26 20.43 24.83
C GLU B 78 -31.78 20.61 25.08
N TYR B 79 -30.96 19.85 24.37
CA TYR B 79 -29.52 19.95 24.51
C TYR B 79 -28.89 20.35 23.20
N ALA B 80 -27.75 21.04 23.28
CA ALA B 80 -27.06 21.57 22.10
C ALA B 80 -25.58 21.76 22.40
N CYS B 81 -24.80 21.92 21.35
CA CYS B 81 -23.39 22.28 21.46
C CYS B 81 -23.20 23.60 20.74
N ARG B 82 -22.52 24.58 21.37
CA ARG B 82 -22.24 25.88 20.73
C ARG B 82 -20.73 26.06 20.51
N VAL B 83 -20.33 26.28 19.27
CA VAL B 83 -18.91 26.26 18.91
C VAL B 83 -18.53 27.55 18.24
N ASN B 84 -17.41 28.16 18.64
CA ASN B 84 -16.89 29.31 17.91
C ASN B 84 -15.43 29.00 17.54
N HIS B 85 -14.98 29.59 16.43
CA HIS B 85 -13.71 29.28 15.78
C HIS B 85 -13.55 30.41 14.77
N VAL B 86 -12.32 30.66 14.36
CA VAL B 86 -12.04 31.77 13.45
C VAL B 86 -12.75 31.60 12.10
N THR B 87 -13.07 30.36 11.72
CA THR B 87 -13.72 30.10 10.40
C THR B 87 -15.24 30.35 10.35
N LEU B 88 -15.81 30.66 11.51
CA LEU B 88 -17.25 30.81 11.73
C LEU B 88 -17.49 32.28 12.02
N SER B 89 -18.44 32.88 11.31
CA SER B 89 -18.75 34.31 11.48
C SER B 89 -19.52 34.59 12.76
N GLN B 90 -20.18 33.57 13.26
CA GLN B 90 -20.90 33.68 14.52
C GLN B 90 -20.84 32.27 15.08
N PRO B 91 -21.05 32.11 16.42
CA PRO B 91 -21.11 30.74 16.91
C PRO B 91 -22.15 29.84 16.23
N LYS B 92 -21.73 28.63 15.95
CA LYS B 92 -22.63 27.67 15.38
C LYS B 92 -23.24 26.81 16.51
N ILE B 93 -24.57 26.74 16.55
CA ILE B 93 -25.28 25.88 17.52
C ILE B 93 -25.83 24.60 16.84
N VAL B 94 -25.44 23.45 17.34
CA VAL B 94 -25.98 22.22 16.78
C VAL B 94 -26.81 21.55 17.89
N LYS B 95 -28.08 21.29 17.63
CA LYS B 95 -28.97 20.68 18.59
C LYS B 95 -28.78 19.17 18.60
N TRP B 96 -28.81 18.58 19.80
CA TRP B 96 -28.87 17.13 19.95
C TRP B 96 -30.19 16.61 19.38
N ASP B 97 -30.13 15.65 18.43
CA ASP B 97 -31.32 15.06 17.87
C ASP B 97 -31.26 13.59 18.18
N ARG B 98 -32.10 13.10 19.08
CA ARG B 98 -31.99 11.70 19.49
C ARG B 98 -32.57 10.73 18.47
N ASP B 99 -33.32 11.25 17.49
CA ASP B 99 -34.01 10.39 16.52
C ASP B 99 -33.22 10.22 15.22
N MET B 100 -31.90 10.36 15.25
CA MET B 100 -31.14 10.14 14.03
C MET B 100 -30.90 8.65 13.71
N ALA C 1 7.07 4.94 25.25
CA ALA C 1 8.18 5.85 25.68
C ALA C 1 8.57 6.73 24.49
N ALA C 2 8.72 8.03 24.74
CA ALA C 2 8.93 9.01 23.68
C ALA C 2 10.39 9.02 23.26
N GLY C 3 10.69 9.78 22.20
CA GLY C 3 12.06 9.82 21.70
C GLY C 3 12.97 10.80 22.41
N ILE C 4 14.28 10.64 22.20
CA ILE C 4 15.28 11.61 22.61
C ILE C 4 16.03 12.10 21.35
N GLY C 5 16.87 13.13 21.51
CA GLY C 5 17.71 13.59 20.39
C GLY C 5 16.91 14.33 19.33
N ILE C 6 15.80 14.91 19.74
CA ILE C 6 15.01 15.74 18.84
C ILE C 6 15.66 17.16 18.81
N LEU C 7 15.92 17.68 17.62
CA LEU C 7 16.67 18.93 17.46
C LEU C 7 15.76 20.04 17.00
N THR C 8 16.19 21.27 17.22
CA THR C 8 15.44 22.38 16.73
C THR C 8 15.58 22.49 15.19
N VAL C 9 14.57 23.04 14.53
CA VAL C 9 14.59 23.27 13.07
C VAL C 9 15.59 24.39 12.63
N GLY D 1 7.64 3.30 -1.24
CA GLY D 1 7.64 1.86 -1.62
C GLY D 1 6.23 1.27 -1.60
N SER D 2 5.53 1.38 -2.72
CA SER D 2 4.39 0.52 -2.98
C SER D 2 4.94 -0.89 -3.36
N HIS D 3 4.22 -1.96 -3.01
CA HIS D 3 4.74 -3.31 -3.16
C HIS D 3 3.65 -4.26 -3.54
N SER D 4 4.02 -5.41 -4.09
CA SER D 4 3.09 -6.32 -4.68
C SER D 4 3.49 -7.79 -4.37
N MET D 5 2.50 -8.66 -4.25
CA MET D 5 2.73 -10.08 -4.15
C MET D 5 1.84 -10.71 -5.20
N ARG D 6 2.42 -11.57 -6.05
CA ARG D 6 1.62 -12.21 -7.14
C ARG D 6 1.96 -13.67 -7.26
N TYR D 7 0.92 -14.48 -7.42
CA TYR D 7 1.07 -15.90 -7.77
C TYR D 7 0.62 -16.16 -9.21
N PHE D 8 1.37 -16.97 -9.97
CA PHE D 8 1.06 -17.23 -11.37
C PHE D 8 0.95 -18.73 -11.52
N PHE D 9 -0.05 -19.23 -12.23
CA PHE D 9 -0.24 -20.67 -12.31
C PHE D 9 -0.51 -20.97 -13.76
N THR D 10 0.07 -22.02 -14.30
CA THR D 10 -0.10 -22.33 -15.72
C THR D 10 -0.33 -23.82 -15.79
N SER D 11 -1.41 -24.25 -16.43
CA SER D 11 -1.58 -25.68 -16.73
C SER D 11 -1.77 -25.93 -18.21
N VAL D 12 -1.10 -26.94 -18.72
CA VAL D 12 -1.11 -27.20 -20.14
C VAL D 12 -1.46 -28.66 -20.37
N SER D 13 -2.52 -28.89 -21.13
CA SER D 13 -2.92 -30.24 -21.40
C SER D 13 -2.02 -30.87 -22.47
N ARG D 14 -1.81 -32.16 -22.35
CA ARG D 14 -1.02 -32.84 -23.35
C ARG D 14 -1.67 -34.14 -23.81
N PRO D 15 -2.48 -34.03 -24.89
CA PRO D 15 -3.23 -35.06 -25.58
C PRO D 15 -2.51 -36.36 -25.66
N GLY D 16 -3.00 -37.35 -24.91
CA GLY D 16 -2.52 -38.73 -24.98
C GLY D 16 -1.10 -38.95 -24.50
N ARG D 17 -0.66 -38.09 -23.59
CA ARG D 17 0.69 -38.15 -23.02
C ARG D 17 0.61 -37.92 -21.50
N GLY D 18 -0.56 -38.21 -20.93
CA GLY D 18 -0.69 -38.20 -19.48
C GLY D 18 -1.31 -36.88 -19.04
N GLU D 19 -1.11 -36.54 -17.78
CA GLU D 19 -1.82 -35.48 -17.09
C GLU D 19 -1.24 -34.13 -17.53
N PRO D 20 -1.98 -33.04 -17.31
CA PRO D 20 -1.41 -31.75 -17.69
C PRO D 20 -0.13 -31.38 -16.94
N ARG D 21 0.68 -30.52 -17.56
CA ARG D 21 1.87 -29.96 -16.94
C ARG D 21 1.34 -28.79 -16.15
N PHE D 22 1.77 -28.66 -14.91
CA PHE D 22 1.36 -27.56 -14.03
C PHE D 22 2.59 -26.89 -13.41
N ILE D 23 2.66 -25.55 -13.49
CA ILE D 23 3.78 -24.82 -12.90
C ILE D 23 3.20 -23.60 -12.16
N ALA D 24 3.67 -23.36 -10.95
CA ALA D 24 3.25 -22.23 -10.17
C ALA D 24 4.45 -21.51 -9.73
N VAL D 25 4.36 -20.18 -9.77
CA VAL D 25 5.43 -19.35 -9.28
C VAL D 25 4.85 -18.16 -8.45
N GLY D 26 5.57 -17.79 -7.41
CA GLY D 26 5.21 -16.65 -6.60
C GLY D 26 6.29 -15.57 -6.65
N TYR D 27 5.89 -14.30 -6.61
CA TYR D 27 6.82 -13.17 -6.63
C TYR D 27 6.42 -12.17 -5.56
N VAL D 28 7.41 -11.50 -5.00
CA VAL D 28 7.24 -10.20 -4.30
C VAL D 28 7.86 -9.14 -5.18
N ASP D 29 7.06 -8.23 -5.69
CA ASP D 29 7.61 -7.25 -6.64
C ASP D 29 8.25 -7.97 -7.77
N ASP D 30 9.50 -7.84 -8.10
CA ASP D 30 10.10 -8.45 -9.26
C ASP D 30 11.05 -9.53 -8.87
N THR D 31 10.84 -10.11 -7.69
CA THR D 31 11.77 -11.08 -7.14
C THR D 31 10.96 -12.37 -6.93
N GLN D 32 11.29 -13.41 -7.68
CA GLN D 32 10.63 -14.70 -7.45
C GLN D 32 11.02 -15.32 -6.08
N PHE D 33 10.08 -16.00 -5.40
CA PHE D 33 10.41 -16.63 -4.13
C PHE D 33 9.98 -18.09 -3.95
N VAL D 34 8.99 -18.54 -4.72
CA VAL D 34 8.66 -19.96 -4.71
C VAL D 34 8.37 -20.49 -6.10
N ARG D 35 8.45 -21.80 -6.23
CA ARG D 35 7.99 -22.50 -7.42
C ARG D 35 7.47 -23.89 -7.11
N PHE D 36 6.64 -24.40 -8.02
CA PHE D 36 6.24 -25.80 -8.01
C PHE D 36 6.15 -26.21 -9.47
N ASP D 37 6.64 -27.40 -9.78
CA ASP D 37 6.43 -27.92 -11.11
C ASP D 37 6.02 -29.34 -10.92
N SER D 38 4.91 -29.71 -11.58
CA SER D 38 4.31 -31.03 -11.51
C SER D 38 5.15 -32.13 -12.13
N ASP D 39 6.07 -31.77 -13.00
CA ASP D 39 6.88 -32.78 -13.62
C ASP D 39 8.21 -33.01 -12.90
N ALA D 40 8.48 -32.20 -11.87
CA ALA D 40 9.68 -32.42 -11.06
C ALA D 40 9.52 -33.62 -10.10
N ALA D 41 10.62 -34.17 -9.62
CA ALA D 41 10.55 -35.37 -8.79
C ALA D 41 10.04 -35.11 -7.36
N SER D 42 10.35 -33.94 -6.83
CA SER D 42 10.17 -33.70 -5.40
C SER D 42 8.71 -33.54 -4.97
N GLN D 43 7.86 -33.13 -5.89
CA GLN D 43 6.44 -32.84 -5.62
C GLN D 43 6.19 -31.87 -4.46
N ARG D 44 7.04 -30.85 -4.32
CA ARG D 44 6.95 -29.98 -3.16
C ARG D 44 7.01 -28.53 -3.65
N MET D 45 6.36 -27.58 -2.98
CA MET D 45 6.66 -26.16 -3.24
C MET D 45 8.09 -25.94 -2.72
N GLU D 46 8.92 -25.28 -3.53
CA GLU D 46 10.37 -25.11 -3.26
C GLU D 46 10.72 -23.62 -3.15
N PRO D 47 11.70 -23.28 -2.29
CA PRO D 47 12.18 -21.92 -2.13
C PRO D 47 12.99 -21.47 -3.33
N ARG D 48 12.86 -20.21 -3.73
CA ARG D 48 13.69 -19.67 -4.82
C ARG D 48 14.27 -18.32 -4.41
N ALA D 49 14.20 -18.02 -3.12
CA ALA D 49 14.82 -16.79 -2.60
C ALA D 49 15.41 -17.13 -1.24
N PRO D 50 16.59 -16.57 -0.89
CA PRO D 50 17.16 -16.99 0.38
C PRO D 50 16.33 -16.64 1.62
N TRP D 51 15.51 -15.60 1.57
CA TRP D 51 14.78 -15.15 2.76
C TRP D 51 13.46 -15.89 2.98
N ILE D 52 13.10 -16.83 2.09
CA ILE D 52 11.91 -17.64 2.35
C ILE D 52 12.37 -18.95 2.96
N GLU D 53 13.67 -19.26 2.84
CA GLU D 53 14.20 -20.54 3.30
C GLU D 53 13.97 -20.76 4.79
N GLN D 54 14.00 -19.66 5.55
CA GLN D 54 13.69 -19.66 6.99
C GLN D 54 12.29 -20.14 7.42
N GLU D 55 11.31 -20.16 6.50
CA GLU D 55 9.97 -20.62 6.87
C GLU D 55 10.00 -22.09 7.27
N GLY D 56 9.11 -22.45 8.19
CA GLY D 56 9.18 -23.73 8.85
C GLY D 56 8.45 -24.81 8.09
N PRO D 57 8.55 -26.06 8.58
CA PRO D 57 7.90 -27.22 7.96
C PRO D 57 6.39 -27.08 7.74
N GLU D 58 5.67 -26.45 8.68
CA GLU D 58 4.25 -26.12 8.47
C GLU D 58 3.95 -25.25 7.25
N TYR D 59 4.81 -24.27 6.97
CA TYR D 59 4.71 -23.45 5.79
C TYR D 59 4.84 -24.28 4.55
N TRP D 60 5.93 -25.03 4.43
CA TRP D 60 6.15 -25.80 3.21
C TRP D 60 5.14 -26.89 2.96
N ASP D 61 4.71 -27.59 4.03
CA ASP D 61 3.65 -28.60 3.94
C ASP D 61 2.35 -27.91 3.49
N GLY D 62 2.03 -26.78 4.09
CA GLY D 62 0.83 -26.03 3.80
C GLY D 62 0.83 -25.48 2.38
N GLU D 63 1.97 -24.97 1.93
CA GLU D 63 2.02 -24.43 0.57
C GLU D 63 1.98 -25.53 -0.51
N THR D 64 2.57 -26.67 -0.20
CA THR D 64 2.56 -27.82 -1.10
C THR D 64 1.12 -28.33 -1.28
N ARG D 65 0.41 -28.48 -0.17
CA ARG D 65 -1.00 -28.89 -0.25
C ARG D 65 -1.86 -27.91 -1.06
N LYS D 66 -1.62 -26.62 -0.89
CA LYS D 66 -2.39 -25.61 -1.62
C LYS D 66 -2.16 -25.66 -3.11
N VAL D 67 -0.92 -25.80 -3.50
CA VAL D 67 -0.51 -25.76 -4.91
C VAL D 67 -1.01 -27.02 -5.64
N LYS D 68 -0.98 -28.14 -4.92
CA LYS D 68 -1.51 -29.39 -5.43
C LYS D 68 -2.99 -29.28 -5.58
N ALA D 69 -3.64 -28.56 -4.67
CA ALA D 69 -5.10 -28.29 -4.81
C ALA D 69 -5.40 -27.45 -6.04
N HIS D 70 -4.62 -26.39 -6.26
CA HIS D 70 -4.70 -25.59 -7.47
C HIS D 70 -4.50 -26.45 -8.72
N SER D 71 -3.47 -27.30 -8.67
CA SER D 71 -3.18 -28.20 -9.80
C SER D 71 -4.38 -29.06 -10.18
N GLN D 72 -5.01 -29.69 -9.18
CA GLN D 72 -6.18 -30.49 -9.46
C GLN D 72 -7.36 -29.71 -10.00
N THR D 73 -7.61 -28.52 -9.45
CA THR D 73 -8.66 -27.65 -9.98
C THR D 73 -8.46 -27.31 -11.48
N HIS D 74 -7.22 -27.03 -11.83
CA HIS D 74 -6.89 -26.69 -13.23
C HIS D 74 -7.04 -27.87 -14.14
N ARG D 75 -6.72 -29.05 -13.67
CA ARG D 75 -6.95 -30.27 -14.44
C ARG D 75 -8.43 -30.45 -14.75
N VAL D 76 -9.25 -30.21 -13.73
CA VAL D 76 -10.69 -30.29 -13.95
C VAL D 76 -11.13 -29.22 -14.94
N ASP D 77 -10.70 -27.97 -14.71
CA ASP D 77 -10.97 -26.83 -15.62
C ASP D 77 -10.65 -27.09 -17.10
N LEU D 78 -9.51 -27.73 -17.38
CA LEU D 78 -9.19 -28.12 -18.76
C LEU D 78 -10.28 -28.92 -19.47
N GLY D 79 -10.84 -29.97 -18.82
CA GLY D 79 -11.95 -30.73 -19.32
C GLY D 79 -13.25 -29.92 -19.44
N THR D 80 -13.55 -29.15 -18.41
CA THR D 80 -14.71 -28.26 -18.42
C THR D 80 -14.69 -27.25 -19.56
N LEU D 81 -13.55 -26.61 -19.81
CA LEU D 81 -13.44 -25.61 -20.88
C LEU D 81 -13.55 -26.22 -22.26
N ARG D 82 -13.01 -27.44 -22.44
CA ARG D 82 -13.22 -28.16 -23.66
C ARG D 82 -14.71 -28.39 -23.96
N GLY D 83 -15.52 -28.64 -22.92
CA GLY D 83 -16.98 -28.76 -23.06
C GLY D 83 -17.61 -27.43 -23.38
N TYR D 84 -17.31 -26.39 -22.61
CA TYR D 84 -17.88 -25.05 -22.90
C TYR D 84 -17.56 -24.55 -24.34
N TYR D 85 -16.39 -24.89 -24.85
CA TYR D 85 -16.01 -24.44 -26.18
C TYR D 85 -16.18 -25.50 -27.28
N ASN D 86 -16.72 -26.67 -26.93
CA ASN D 86 -16.90 -27.79 -27.91
C ASN D 86 -15.59 -28.06 -28.65
N GLN D 87 -14.52 -28.21 -27.90
CA GLN D 87 -13.22 -28.55 -28.48
C GLN D 87 -12.89 -30.03 -28.39
N SER D 88 -12.10 -30.56 -29.33
CA SER D 88 -11.76 -31.98 -29.25
C SER D 88 -10.55 -32.27 -28.34
N GLU D 89 -10.15 -33.55 -28.28
CA GLU D 89 -8.91 -33.92 -27.56
C GLU D 89 -7.65 -33.95 -28.47
N ALA D 90 -7.79 -33.51 -29.71
CA ALA D 90 -6.66 -33.51 -30.67
C ALA D 90 -5.57 -32.49 -30.40
N GLY D 91 -5.90 -31.39 -29.71
CA GLY D 91 -4.98 -30.31 -29.47
C GLY D 91 -4.72 -29.97 -28.01
N SER D 92 -3.58 -29.33 -27.75
CA SER D 92 -3.18 -28.98 -26.40
C SER D 92 -3.83 -27.62 -26.06
N HIS D 93 -4.28 -27.43 -24.82
CA HIS D 93 -4.80 -26.13 -24.36
C HIS D 93 -4.16 -25.64 -23.07
N THR D 94 -4.34 -24.34 -22.80
CA THR D 94 -3.64 -23.66 -21.73
C THR D 94 -4.61 -22.87 -20.85
N VAL D 95 -4.52 -23.05 -19.54
CA VAL D 95 -5.21 -22.21 -18.58
C VAL D 95 -4.14 -21.49 -17.77
N GLN D 96 -4.39 -20.22 -17.48
CA GLN D 96 -3.49 -19.43 -16.65
C GLN D 96 -4.31 -18.67 -15.69
N ARG D 97 -3.78 -18.55 -14.49
CA ARG D 97 -4.44 -17.85 -13.39
C ARG D 97 -3.41 -16.98 -12.69
N MET D 98 -3.79 -15.77 -12.29
CA MET D 98 -2.87 -14.93 -11.57
C MET D 98 -3.68 -14.23 -10.53
N TYR D 99 -3.10 -14.09 -9.35
CA TYR D 99 -3.75 -13.30 -8.32
C TYR D 99 -2.75 -12.69 -7.38
N GLY D 100 -3.20 -11.68 -6.62
CA GLY D 100 -2.35 -11.14 -5.60
C GLY D 100 -2.81 -9.74 -5.18
N CYS D 101 -1.97 -9.07 -4.41
CA CYS D 101 -2.36 -7.83 -3.80
C CYS D 101 -1.22 -6.85 -3.85
N ASP D 102 -1.60 -5.56 -3.81
CA ASP D 102 -0.70 -4.45 -3.68
C ASP D 102 -0.95 -3.76 -2.34
N VAL D 103 0.14 -3.31 -1.68
CA VAL D 103 0.02 -2.37 -0.56
C VAL D 103 0.66 -1.04 -0.89
N GLY D 104 0.25 0.00 -0.16
CA GLY D 104 0.78 1.32 -0.45
C GLY D 104 1.95 1.62 0.43
N SER D 105 2.33 2.89 0.53
CA SER D 105 3.49 3.28 1.30
C SER D 105 3.21 3.17 2.80
N ASP D 106 1.94 3.14 3.19
CA ASP D 106 1.55 2.94 4.58
C ASP D 106 1.40 1.44 4.92
N TRP D 107 1.73 0.57 3.96
CA TRP D 107 1.69 -0.91 4.08
C TRP D 107 0.29 -1.46 4.28
N ARG D 108 -0.71 -0.68 3.88
CA ARG D 108 -2.11 -1.08 3.98
C ARG D 108 -2.56 -1.46 2.59
N PHE D 109 -3.51 -2.38 2.53
CA PHE D 109 -4.08 -2.85 1.27
C PHE D 109 -4.39 -1.72 0.28
N LEU D 110 -3.91 -1.88 -0.95
CA LEU D 110 -4.19 -0.90 -1.99
C LEU D 110 -5.08 -1.47 -3.08
N ARG D 111 -4.69 -2.62 -3.62
CA ARG D 111 -5.40 -3.16 -4.76
C ARG D 111 -5.33 -4.69 -4.73
N GLY D 112 -6.36 -5.38 -5.21
CA GLY D 112 -6.23 -6.83 -5.39
C GLY D 112 -6.60 -7.25 -6.79
N TYR D 113 -6.17 -8.43 -7.18
CA TYR D 113 -6.50 -8.93 -8.51
C TYR D 113 -6.63 -10.45 -8.47
N HIS D 114 -7.49 -11.00 -9.32
CA HIS D 114 -7.64 -12.42 -9.49
C HIS D 114 -8.18 -12.61 -10.90
N GLN D 115 -7.36 -13.16 -11.80
CA GLN D 115 -7.67 -13.15 -13.22
C GLN D 115 -7.36 -14.51 -13.83
N TYR D 116 -8.08 -14.90 -14.88
CA TYR D 116 -7.93 -16.21 -15.48
C TYR D 116 -7.98 -16.03 -16.97
N ALA D 117 -7.21 -16.89 -17.67
CA ALA D 117 -7.19 -16.86 -19.10
C ALA D 117 -7.23 -18.28 -19.61
N TYR D 118 -7.81 -18.43 -20.80
CA TYR D 118 -7.87 -19.74 -21.48
C TYR D 118 -7.32 -19.53 -22.86
N ASP D 119 -6.32 -20.33 -23.21
CA ASP D 119 -5.66 -20.24 -24.49
C ASP D 119 -5.11 -18.82 -24.82
N GLY D 120 -4.55 -18.14 -23.82
CA GLY D 120 -3.89 -16.87 -24.05
C GLY D 120 -4.79 -15.65 -24.09
N LYS D 121 -6.09 -15.86 -23.91
CA LYS D 121 -7.07 -14.77 -23.98
C LYS D 121 -7.75 -14.60 -22.65
N ASP D 122 -7.98 -13.36 -22.20
CA ASP D 122 -8.88 -13.11 -21.05
C ASP D 122 -10.12 -14.01 -20.98
N TYR D 123 -10.33 -14.66 -19.83
CA TYR D 123 -11.51 -15.50 -19.64
C TYR D 123 -12.43 -14.83 -18.57
N ILE D 124 -11.96 -14.72 -17.35
CA ILE D 124 -12.74 -14.07 -16.28
C ILE D 124 -11.79 -13.41 -15.32
N ALA D 125 -12.18 -12.23 -14.83
CA ALA D 125 -11.35 -11.43 -13.96
C ALA D 125 -12.24 -10.75 -12.93
N LEU D 126 -11.76 -10.74 -11.70
CA LEU D 126 -12.39 -10.00 -10.63
C LEU D 126 -12.12 -8.52 -10.83
N LYS D 127 -13.18 -7.71 -10.78
CA LYS D 127 -13.04 -6.27 -10.98
C LYS D 127 -12.43 -5.65 -9.74
N GLU D 128 -11.95 -4.42 -9.87
CA GLU D 128 -11.19 -3.74 -8.82
C GLU D 128 -11.99 -3.52 -7.50
N ASP D 129 -13.33 -3.45 -7.60
CA ASP D 129 -14.20 -3.38 -6.41
C ASP D 129 -14.19 -4.70 -5.59
N LEU D 130 -13.71 -5.78 -6.22
CA LEU D 130 -13.61 -7.13 -5.63
C LEU D 130 -14.98 -7.78 -5.33
N ARG D 131 -16.01 -7.33 -6.03
CA ARG D 131 -17.37 -7.82 -5.81
C ARG D 131 -18.01 -8.21 -7.10
N SER D 132 -17.37 -7.94 -8.23
CA SER D 132 -17.99 -8.23 -9.51
C SER D 132 -16.98 -8.82 -10.47
N TRP D 133 -17.45 -9.35 -11.57
CA TRP D 133 -16.60 -10.06 -12.53
C TRP D 133 -16.69 -9.50 -13.93
N THR D 134 -15.58 -9.48 -14.65
CA THR D 134 -15.58 -9.19 -16.10
C THR D 134 -15.42 -10.51 -16.82
N ALA D 135 -16.38 -10.86 -17.67
CA ALA D 135 -16.38 -12.12 -18.40
C ALA D 135 -16.78 -11.71 -19.80
N ALA D 136 -15.89 -11.73 -20.77
CA ALA D 136 -16.34 -11.26 -22.10
CA ALA D 136 -16.25 -11.26 -22.11
C ALA D 136 -17.17 -12.30 -22.82
C ALA D 136 -16.09 -12.30 -23.21
N ASP D 137 -16.63 -13.49 -22.94
CA ASP D 137 -17.25 -14.39 -23.89
C ASP D 137 -18.37 -15.15 -23.18
N MET D 138 -19.24 -15.82 -23.93
CA MET D 138 -20.41 -16.46 -23.33
C MET D 138 -20.03 -17.60 -22.38
N ALA D 139 -18.95 -18.32 -22.69
CA ALA D 139 -18.54 -19.43 -21.83
C ALA D 139 -18.15 -18.88 -20.47
N ALA D 140 -17.46 -17.76 -20.46
CA ALA D 140 -17.07 -17.11 -19.21
C ALA D 140 -18.25 -16.60 -18.40
N GLN D 141 -19.35 -16.25 -19.06
CA GLN D 141 -20.58 -15.88 -18.37
C GLN D 141 -21.17 -17.09 -17.61
N THR D 142 -21.01 -18.30 -18.17
CA THR D 142 -21.47 -19.51 -17.52
C THR D 142 -20.70 -19.64 -16.22
N THR D 143 -19.39 -19.45 -16.30
CA THR D 143 -18.55 -19.47 -15.09
C THR D 143 -18.94 -18.36 -14.10
N LYS D 144 -19.16 -17.16 -14.63
CA LYS D 144 -19.67 -16.07 -13.77
C LYS D 144 -20.93 -16.43 -13.01
N HIS D 145 -21.92 -17.04 -13.66
CA HIS D 145 -23.16 -17.39 -12.96
C HIS D 145 -22.91 -18.37 -11.81
N LYS D 146 -22.03 -19.34 -12.09
CA LYS D 146 -21.76 -20.39 -11.10
C LYS D 146 -20.97 -19.79 -9.94
N TRP D 147 -20.08 -18.85 -10.25
CA TRP D 147 -19.24 -18.28 -9.20
C TRP D 147 -19.98 -17.22 -8.42
N GLU D 148 -20.97 -16.59 -9.05
CA GLU D 148 -21.85 -15.69 -8.27
C GLU D 148 -22.79 -16.44 -7.34
N ALA D 149 -23.39 -17.55 -7.82
CA ALA D 149 -24.18 -18.41 -6.93
C ALA D 149 -23.38 -19.02 -5.76
N ALA D 150 -22.08 -19.28 -5.96
CA ALA D 150 -21.21 -19.90 -4.91
C ALA D 150 -20.48 -18.85 -4.06
N HIS D 151 -20.77 -17.57 -4.30
CA HIS D 151 -20.22 -16.43 -3.55
C HIS D 151 -18.70 -16.43 -3.51
N VAL D 152 -18.08 -16.76 -4.66
CA VAL D 152 -16.62 -16.81 -4.77
C VAL D 152 -15.93 -15.45 -4.54
N ALA D 153 -16.54 -14.38 -5.03
CA ALA D 153 -15.89 -13.05 -4.97
C ALA D 153 -15.64 -12.67 -3.52
N GLU D 154 -16.58 -13.03 -2.64
CA GLU D 154 -16.47 -12.69 -1.22
C GLU D 154 -15.30 -13.44 -0.56
N GLN D 155 -15.04 -14.64 -1.06
CA GLN D 155 -13.96 -15.49 -0.57
C GLN D 155 -12.63 -14.96 -1.01
N LEU D 156 -12.57 -14.52 -2.26
CA LEU D 156 -11.37 -14.00 -2.88
C LEU D 156 -11.04 -12.66 -2.22
N ARG D 157 -12.07 -11.86 -1.98
CA ARG D 157 -11.87 -10.55 -1.36
C ARG D 157 -11.27 -10.68 0.02
N ALA D 158 -11.72 -11.65 0.80
CA ALA D 158 -11.17 -11.87 2.15
C ALA D 158 -9.68 -12.32 2.18
N TYR D 159 -9.29 -13.17 1.23
CA TYR D 159 -7.90 -13.56 1.06
C TYR D 159 -7.05 -12.33 0.65
N LEU D 160 -7.48 -11.63 -0.38
CA LEU D 160 -6.69 -10.55 -0.97
C LEU D 160 -6.53 -9.36 -0.06
N GLU D 161 -7.59 -9.01 0.66
CA GLU D 161 -7.51 -7.91 1.65
C GLU D 161 -6.90 -8.32 2.97
N GLY D 162 -6.77 -9.62 3.22
CA GLY D 162 -6.35 -10.14 4.52
C GLY D 162 -5.04 -10.89 4.49
N THR D 163 -5.13 -12.23 4.39
CA THR D 163 -3.99 -13.14 4.26
C THR D 163 -2.91 -12.67 3.30
N CYS D 164 -3.32 -12.25 2.10
CA CYS D 164 -2.36 -11.80 1.12
C CYS D 164 -1.54 -10.61 1.65
N VAL D 165 -2.20 -9.63 2.28
CA VAL D 165 -1.46 -8.48 2.81
C VAL D 165 -0.56 -8.90 3.99
N GLU D 166 -1.07 -9.75 4.88
CA GLU D 166 -0.31 -10.17 6.06
C GLU D 166 0.99 -10.86 5.68
N TRP D 167 0.91 -11.73 4.67
CA TRP D 167 2.07 -12.45 4.23
C TRP D 167 2.98 -11.56 3.39
N LEU D 168 2.43 -10.65 2.62
CA LEU D 168 3.28 -9.67 1.92
C LEU D 168 4.09 -8.84 2.90
N ARG D 169 3.44 -8.33 3.95
CA ARG D 169 4.17 -7.61 5.01
C ARG D 169 5.29 -8.43 5.64
N ARG D 170 5.03 -9.69 5.91
CA ARG D 170 6.01 -10.58 6.50
C ARG D 170 7.22 -10.78 5.60
N TYR D 171 6.99 -11.04 4.32
CA TYR D 171 8.07 -11.27 3.39
C TYR D 171 8.88 -10.02 3.16
N LEU D 172 8.20 -8.87 3.09
CA LEU D 172 8.92 -7.59 2.95
C LEU D 172 9.90 -7.32 4.10
N GLU D 173 9.52 -7.69 5.33
CA GLU D 173 10.37 -7.57 6.50
C GLU D 173 11.50 -8.57 6.48
N ASN D 174 11.14 -9.84 6.28
CA ASN D 174 12.13 -10.92 6.25
C ASN D 174 13.12 -10.78 5.14
N GLY D 175 12.65 -10.35 3.96
CA GLY D 175 13.57 -10.07 2.85
C GLY D 175 13.95 -8.60 2.61
N LYS D 176 14.01 -7.80 3.67
CA LYS D 176 14.20 -6.34 3.51
C LYS D 176 15.36 -5.89 2.65
N GLU D 177 16.53 -6.50 2.82
CA GLU D 177 17.73 -6.11 2.07
C GLU D 177 17.60 -6.29 0.54
N THR D 178 16.86 -7.31 0.15
CA THR D 178 16.55 -7.67 -1.24
C THR D 178 15.33 -6.92 -1.76
N LEU D 179 14.29 -6.85 -0.96
CA LEU D 179 13.03 -6.36 -1.46
C LEU D 179 12.84 -4.85 -1.27
N GLN D 180 13.33 -4.30 -0.15
CA GLN D 180 13.16 -2.87 0.10
C GLN D 180 14.47 -2.22 -0.35
N ARG D 181 14.78 -2.34 -1.63
CA ARG D 181 15.97 -1.70 -2.13
C ARG D 181 15.62 -1.08 -3.48
N THR D 182 16.48 -0.19 -3.90
CA THR D 182 16.32 0.44 -5.15
C THR D 182 17.74 0.52 -5.71
N ASP D 183 17.94 -0.07 -6.87
CA ASP D 183 19.23 0.06 -7.54
C ASP D 183 19.02 0.95 -8.77
N ALA D 184 19.63 2.15 -8.78
CA ALA D 184 19.48 3.06 -9.90
C ALA D 184 20.22 2.50 -11.12
N PRO D 185 19.70 2.71 -12.34
CA PRO D 185 20.46 2.24 -13.51
C PRO D 185 21.80 2.94 -13.74
N LYS D 186 22.74 2.14 -14.20
CA LYS D 186 23.99 2.67 -14.69
C LYS D 186 23.77 2.88 -16.16
N THR D 187 23.93 4.10 -16.65
CA THR D 187 23.51 4.42 -18.02
C THR D 187 24.67 4.84 -18.91
N HIS D 188 24.56 4.53 -20.20
CA HIS D 188 25.52 5.02 -21.21
C HIS D 188 24.88 4.82 -22.54
N MET D 189 25.43 5.45 -23.58
CA MET D 189 24.97 5.33 -24.92
C MET D 189 26.12 4.78 -25.78
N THR D 190 25.83 4.02 -26.82
CA THR D 190 26.87 3.50 -27.70
C THR D 190 26.51 3.99 -29.11
N HIS D 191 27.51 4.08 -29.95
CA HIS D 191 27.42 4.61 -31.33
C HIS D 191 28.17 3.65 -32.24
N HIS D 192 27.49 3.14 -33.28
CA HIS D 192 28.18 2.26 -34.27
C HIS D 192 27.66 2.53 -35.66
N ALA D 193 28.56 2.58 -36.60
CA ALA D 193 28.15 2.99 -37.93
C ALA D 193 27.54 1.74 -38.53
N VAL D 194 26.42 1.90 -39.23
CA VAL D 194 25.87 0.77 -39.98
C VAL D 194 26.24 0.81 -41.47
N SER D 195 26.57 2.02 -41.95
CA SER D 195 27.08 2.23 -43.29
C SER D 195 27.89 3.52 -43.26
N ASP D 196 28.29 4.05 -44.42
CA ASP D 196 29.00 5.34 -44.38
C ASP D 196 28.11 6.57 -44.20
N HIS D 197 26.81 6.37 -44.06
CA HIS D 197 25.93 7.49 -43.90
C HIS D 197 24.96 7.31 -42.75
N GLU D 198 24.97 6.17 -42.06
CA GLU D 198 24.06 5.97 -40.93
C GLU D 198 24.71 5.33 -39.73
N ALA D 199 24.25 5.68 -38.54
CA ALA D 199 24.79 5.07 -37.34
C ALA D 199 23.70 4.65 -36.36
N THR D 200 23.93 3.59 -35.57
CA THR D 200 22.97 3.14 -34.58
C THR D 200 23.34 3.79 -33.27
N LEU D 201 22.42 4.51 -32.66
CA LEU D 201 22.68 5.01 -31.34
C LEU D 201 21.88 4.15 -30.39
N ARG D 202 22.48 3.70 -29.32
CA ARG D 202 21.76 2.80 -28.44
C ARG D 202 21.93 3.28 -27.02
N CYS D 203 20.80 3.50 -26.35
CA CYS D 203 20.83 3.95 -24.94
C CYS D 203 20.65 2.74 -24.01
N TRP D 204 21.58 2.56 -23.07
CA TRP D 204 21.57 1.45 -22.14
C TRP D 204 21.30 1.82 -20.72
N ALA D 205 20.58 0.97 -20.00
CA ALA D 205 20.38 1.09 -18.55
C ALA D 205 20.69 -0.30 -18.06
N LEU D 206 21.69 -0.39 -17.18
CA LEU D 206 22.14 -1.67 -16.65
C LEU D 206 22.02 -1.68 -15.12
N SER D 207 21.87 -2.87 -14.52
CA SER D 207 21.97 -3.12 -13.09
C SER D 207 20.94 -2.40 -12.25
N PHE D 208 19.72 -2.28 -12.74
CA PHE D 208 18.68 -1.58 -11.96
C PHE D 208 17.66 -2.52 -11.32
N TYR D 209 17.02 -2.04 -10.25
CA TYR D 209 15.93 -2.76 -9.59
C TYR D 209 15.09 -1.67 -8.90
N PRO D 210 13.75 -1.77 -8.98
CA PRO D 210 12.91 -2.75 -9.67
C PRO D 210 12.89 -2.60 -11.19
N ALA D 211 12.14 -3.48 -11.85
CA ALA D 211 12.18 -3.56 -13.31
C ALA D 211 11.59 -2.37 -14.06
N GLU D 212 10.68 -1.64 -13.39
CA GLU D 212 10.01 -0.55 -14.08
C GLU D 212 10.98 0.55 -14.48
N ILE D 213 10.99 0.90 -15.77
CA ILE D 213 11.92 1.92 -16.30
C ILE D 213 11.34 2.51 -17.59
N THR D 214 11.70 3.75 -17.91
CA THR D 214 11.30 4.36 -19.19
C THR D 214 12.56 4.87 -19.87
N LEU D 215 12.79 4.40 -21.09
CA LEU D 215 13.87 4.90 -21.92
C LEU D 215 13.31 5.52 -23.17
N THR D 216 13.70 6.75 -23.48
CA THR D 216 13.11 7.42 -24.62
C THR D 216 14.17 8.23 -25.36
N TRP D 217 14.08 8.30 -26.70
CA TRP D 217 14.97 9.12 -27.51
C TRP D 217 14.25 10.38 -27.92
N GLN D 218 14.94 11.52 -27.90
CA GLN D 218 14.40 12.75 -28.49
C GLN D 218 15.30 13.22 -29.61
N ARG D 219 14.75 13.72 -30.73
CA ARG D 219 15.54 14.44 -31.71
C ARG D 219 15.15 15.89 -31.58
N ASP D 220 16.13 16.77 -31.28
CA ASP D 220 15.85 18.23 -31.05
C ASP D 220 14.68 18.44 -30.14
N GLY D 221 14.64 17.64 -29.09
CA GLY D 221 13.51 17.61 -28.17
C GLY D 221 12.20 16.92 -28.54
N GLU D 222 12.09 16.37 -29.74
CA GLU D 222 10.84 15.73 -30.15
C GLU D 222 10.91 14.21 -29.97
N ASP D 223 9.93 13.61 -29.30
CA ASP D 223 10.05 12.16 -29.00
C ASP D 223 10.05 11.31 -30.25
N GLN D 224 10.92 10.31 -30.29
CA GLN D 224 11.10 9.52 -31.50
C GLN D 224 10.55 8.11 -31.35
N THR D 225 9.36 7.98 -30.79
CA THR D 225 8.91 6.67 -30.36
C THR D 225 8.54 5.72 -31.50
N GLN D 226 8.03 6.30 -32.59
CA GLN D 226 7.75 5.55 -33.81
C GLN D 226 9.00 5.06 -34.54
N ASP D 227 10.16 5.62 -34.21
CA ASP D 227 11.39 5.19 -34.84
C ASP D 227 12.37 4.45 -33.93
N THR D 228 11.99 4.19 -32.69
CA THR D 228 12.89 3.60 -31.69
C THR D 228 12.68 2.08 -31.59
N GLU D 229 13.76 1.32 -31.53
CA GLU D 229 13.65 -0.09 -31.19
C GLU D 229 13.80 -0.18 -29.70
N LEU D 230 12.86 -0.76 -28.98
CA LEU D 230 12.92 -0.79 -27.52
C LEU D 230 12.81 -2.26 -27.19
N VAL D 231 13.84 -2.86 -26.57
CA VAL D 231 13.69 -4.28 -26.19
C VAL D 231 12.93 -4.48 -24.86
N GLU D 232 12.41 -5.68 -24.66
CA GLU D 232 11.77 -5.96 -23.39
C GLU D 232 12.82 -5.90 -22.29
N THR D 233 12.43 -5.32 -21.12
CA THR D 233 13.30 -5.39 -19.94
C THR D 233 13.63 -6.84 -19.62
N ARG D 234 14.92 -7.11 -19.34
CA ARG D 234 15.40 -8.47 -19.25
C ARG D 234 16.23 -8.66 -17.98
N PRO D 235 16.16 -9.85 -17.40
CA PRO D 235 16.88 -10.13 -16.20
C PRO D 235 18.36 -10.32 -16.47
N ALA D 236 19.18 -9.75 -15.60
CA ALA D 236 20.63 -10.00 -15.70
C ALA D 236 20.97 -11.39 -15.14
N GLY D 237 20.16 -11.87 -14.19
CA GLY D 237 20.36 -13.22 -13.56
C GLY D 237 20.83 -13.08 -12.12
N ASP D 238 21.13 -11.85 -11.73
CA ASP D 238 21.65 -11.58 -10.41
C ASP D 238 20.67 -10.78 -9.54
N GLY D 239 19.43 -10.64 -10.01
CA GLY D 239 18.44 -9.88 -9.24
C GLY D 239 18.20 -8.48 -9.79
N THR D 240 19.00 -8.04 -10.75
CA THR D 240 18.81 -6.75 -11.38
C THR D 240 18.35 -6.91 -12.86
N PHE D 241 18.03 -5.78 -13.49
CA PHE D 241 17.46 -5.77 -14.84
C PHE D 241 18.28 -4.94 -15.81
N GLN D 242 18.04 -5.12 -17.12
CA GLN D 242 18.76 -4.40 -18.17
C GLN D 242 17.71 -4.02 -19.20
N LYS D 243 17.96 -2.94 -19.97
CA LYS D 243 17.07 -2.52 -21.04
C LYS D 243 17.89 -1.64 -21.95
N TRP D 244 17.57 -1.66 -23.23
CA TRP D 244 18.12 -0.68 -24.17
C TRP D 244 17.11 -0.15 -25.16
N ALA D 245 17.38 1.00 -25.77
CA ALA D 245 16.53 1.56 -26.81
C ALA D 245 17.48 2.05 -27.87
N ALA D 246 17.19 1.83 -29.14
CA ALA D 246 18.05 2.22 -30.29
C ALA D 246 17.30 3.02 -31.36
N VAL D 247 18.01 3.97 -31.99
CA VAL D 247 17.56 4.64 -33.20
C VAL D 247 18.70 4.56 -34.19
N VAL D 248 18.34 4.60 -35.46
CA VAL D 248 19.30 4.64 -36.54
C VAL D 248 19.18 6.01 -37.15
N VAL D 249 20.31 6.67 -37.25
CA VAL D 249 20.35 8.12 -37.42
C VAL D 249 21.36 8.44 -38.53
N PRO D 250 21.09 9.47 -39.35
CA PRO D 250 22.11 9.93 -40.30
C PRO D 250 23.38 10.43 -39.60
N SER D 251 24.55 9.97 -40.09
CA SER D 251 25.87 10.36 -39.56
C SER D 251 26.02 11.85 -39.65
N GLY D 252 26.41 12.51 -38.55
CA GLY D 252 26.43 13.98 -38.56
C GLY D 252 25.37 14.55 -37.62
N GLN D 253 24.28 13.81 -37.40
CA GLN D 253 23.16 14.35 -36.62
C GLN D 253 23.14 13.87 -35.20
N GLU D 254 24.21 13.22 -34.76
CA GLU D 254 24.23 12.65 -33.39
C GLU D 254 23.90 13.65 -32.26
N GLN D 255 24.40 14.85 -32.38
CA GLN D 255 24.16 15.88 -31.36
C GLN D 255 22.71 16.33 -31.27
N ARG D 256 21.88 15.95 -32.25
CA ARG D 256 20.43 16.30 -32.17
C ARG D 256 19.70 15.34 -31.24
N TYR D 257 20.33 14.20 -30.94
CA TYR D 257 19.63 13.13 -30.26
C TYR D 257 20.02 13.02 -28.80
N THR D 258 19.02 12.85 -27.93
CA THR D 258 19.30 12.66 -26.52
C THR D 258 18.46 11.49 -26.01
N CYS D 259 18.95 10.79 -24.99
CA CYS D 259 18.26 9.66 -24.37
C CYS D 259 17.88 10.06 -22.98
N HIS D 260 16.69 9.66 -22.57
CA HIS D 260 16.11 10.17 -21.35
C HIS D 260 15.67 8.94 -20.57
N VAL D 261 16.08 8.87 -19.30
CA VAL D 261 15.90 7.68 -18.49
C VAL D 261 15.17 8.08 -17.23
N GLN D 262 14.09 7.35 -16.95
CA GLN D 262 13.31 7.53 -15.74
C GLN D 262 13.26 6.24 -14.96
N HIS D 263 13.53 6.35 -13.65
CA HIS D 263 13.56 5.16 -12.81
C HIS D 263 13.36 5.67 -11.42
N GLU D 264 12.78 4.86 -10.54
CA GLU D 264 12.58 5.27 -9.14
C GLU D 264 13.86 5.47 -8.30
N GLY D 265 14.95 4.84 -8.73
CA GLY D 265 16.31 5.03 -8.19
C GLY D 265 17.00 6.33 -8.51
N LEU D 266 16.51 7.04 -9.51
CA LEU D 266 17.13 8.27 -9.85
C LEU D 266 16.46 9.39 -9.08
N PRO D 267 17.27 10.25 -8.46
CA PRO D 267 16.68 11.38 -7.73
C PRO D 267 16.00 12.38 -8.69
N LYS D 268 16.45 12.39 -9.95
CA LYS D 268 15.84 13.13 -11.06
C LYS D 268 16.02 12.31 -12.36
N PRO D 269 15.12 12.48 -13.34
CA PRO D 269 15.36 11.83 -14.63
C PRO D 269 16.71 12.25 -15.29
N LEU D 270 17.38 11.31 -15.95
CA LEU D 270 18.70 11.59 -16.51
C LEU D 270 18.55 11.84 -17.98
N THR D 271 19.25 12.84 -18.50
CA THR D 271 19.37 13.03 -19.93
C THR D 271 20.81 12.73 -20.34
N LEU D 272 21.02 11.85 -21.32
CA LEU D 272 22.36 11.64 -21.89
C LEU D 272 22.49 12.30 -23.29
N ARG D 273 23.65 12.89 -23.57
CA ARG D 273 23.84 13.67 -24.81
C ARG D 273 25.12 13.29 -25.48
N TRP D 274 25.21 13.63 -26.76
CA TRP D 274 26.42 13.29 -27.53
C TRP D 274 27.42 14.48 -27.66
N GLU D 275 27.37 15.42 -26.72
CA GLU D 275 28.31 16.56 -26.72
C GLU D 275 28.37 16.97 -25.29
N MET E 1 -6.45 -20.50 -32.60
CA MET E 1 -5.83 -20.10 -31.33
C MET E 1 -4.84 -18.97 -31.49
N ILE E 2 -4.76 -18.19 -30.42
CA ILE E 2 -3.73 -17.23 -30.21
C ILE E 2 -2.36 -17.85 -30.28
N GLN E 3 -1.50 -17.24 -31.08
CA GLN E 3 -0.11 -17.56 -31.07
C GLN E 3 0.67 -16.24 -31.05
N ARG E 4 1.71 -16.14 -30.21
CA ARG E 4 2.56 -14.98 -30.15
C ARG E 4 4.01 -15.43 -30.23
N THR E 5 4.80 -14.73 -31.05
CA THR E 5 6.20 -15.08 -31.34
C THR E 5 7.14 -14.74 -30.20
N PRO E 6 8.10 -15.63 -29.87
CA PRO E 6 9.11 -15.25 -28.83
C PRO E 6 10.02 -14.10 -29.30
N LYS E 7 10.24 -13.17 -28.41
CA LYS E 7 11.19 -12.10 -28.65
C LYS E 7 12.48 -12.61 -27.96
N ILE E 8 13.57 -12.74 -28.71
CA ILE E 8 14.76 -13.47 -28.19
C ILE E 8 15.89 -12.51 -28.02
N GLN E 9 16.53 -12.51 -26.86
CA GLN E 9 17.71 -11.67 -26.59
C GLN E 9 18.81 -12.53 -26.08
N VAL E 10 20.01 -12.33 -26.59
CA VAL E 10 21.21 -13.09 -26.11
C VAL E 10 22.27 -12.15 -25.63
N TYR E 11 22.73 -12.31 -24.40
CA TYR E 11 23.57 -11.27 -23.80
C TYR E 11 24.28 -11.81 -22.61
N SER E 12 25.34 -11.13 -22.17
CA SER E 12 26.01 -11.52 -20.96
C SER E 12 25.46 -10.75 -19.76
N ARG E 13 25.51 -11.36 -18.58
CA ARG E 13 25.16 -10.68 -17.31
C ARG E 13 25.97 -9.39 -17.05
N HIS E 14 27.27 -9.49 -17.24
CA HIS E 14 28.24 -8.42 -17.02
C HIS E 14 28.94 -8.10 -18.34
N PRO E 15 29.48 -6.86 -18.48
CA PRO E 15 30.27 -6.51 -19.66
C PRO E 15 31.38 -7.52 -19.81
N ALA E 16 31.45 -8.10 -21.00
CA ALA E 16 32.29 -9.23 -21.29
C ALA E 16 33.72 -8.78 -21.41
N GLU E 17 34.60 -9.59 -20.88
CA GLU E 17 36.02 -9.31 -20.88
C GLU E 17 36.62 -10.67 -21.09
N ASN E 18 37.46 -10.81 -22.12
CA ASN E 18 38.09 -12.07 -22.46
C ASN E 18 38.89 -12.62 -21.29
N GLY E 19 38.64 -13.87 -20.93
CA GLY E 19 39.39 -14.48 -19.84
C GLY E 19 38.68 -14.40 -18.51
N LYS E 20 37.57 -13.65 -18.45
CA LYS E 20 36.89 -13.46 -17.18
C LYS E 20 35.54 -14.14 -17.19
N SER E 21 35.29 -14.96 -16.16
CA SER E 21 34.05 -15.71 -16.14
C SER E 21 32.84 -14.80 -15.98
N ASN E 22 31.73 -15.27 -16.52
CA ASN E 22 30.56 -14.42 -16.75
C ASN E 22 29.42 -15.41 -16.90
N PHE E 23 28.23 -14.93 -17.25
CA PHE E 23 27.10 -15.76 -17.56
C PHE E 23 26.51 -15.34 -18.84
N LEU E 24 26.19 -16.30 -19.68
CA LEU E 24 25.53 -16.08 -20.95
C LEU E 24 24.04 -16.34 -20.80
N ASN E 25 23.25 -15.38 -21.22
CA ASN E 25 21.80 -15.47 -21.06
C ASN E 25 21.11 -15.55 -22.38
N CYS E 26 20.05 -16.35 -22.46
CA CYS E 26 19.10 -16.25 -23.54
C CYS E 26 17.72 -15.96 -22.95
N TYR E 27 17.23 -14.76 -23.12
CA TYR E 27 15.91 -14.46 -22.58
C TYR E 27 14.89 -14.52 -23.70
N VAL E 28 13.81 -15.27 -23.53
CA VAL E 28 12.75 -15.37 -24.56
C VAL E 28 11.47 -14.88 -23.91
N SER E 29 10.84 -13.90 -24.49
CA SER E 29 9.66 -13.38 -23.80
C SER E 29 8.55 -13.13 -24.81
N GLY E 30 7.35 -12.90 -24.32
CA GLY E 30 6.28 -12.48 -25.20
C GLY E 30 5.63 -13.58 -26.01
N PHE E 31 5.84 -14.84 -25.63
CA PHE E 31 5.37 -15.94 -26.48
C PHE E 31 4.13 -16.67 -25.96
N HIS E 32 3.44 -17.34 -26.88
CA HIS E 32 2.25 -18.13 -26.55
C HIS E 32 1.99 -19.10 -27.69
N PRO E 33 1.75 -20.40 -27.41
CA PRO E 33 1.66 -21.15 -26.16
C PRO E 33 3.06 -21.40 -25.57
N SER E 34 3.14 -22.13 -24.46
CA SER E 34 4.34 -22.11 -23.67
C SER E 34 5.38 -23.12 -24.18
N ASP E 35 4.96 -24.06 -25.00
CA ASP E 35 5.92 -25.09 -25.46
C ASP E 35 6.96 -24.42 -26.36
N ILE E 36 8.25 -24.59 -26.04
CA ILE E 36 9.32 -23.85 -26.70
C ILE E 36 10.60 -24.65 -26.47
N GLU E 37 11.48 -24.64 -27.48
CA GLU E 37 12.78 -25.28 -27.38
C GLU E 37 13.81 -24.19 -27.47
N VAL E 38 14.72 -24.10 -26.48
CA VAL E 38 15.75 -23.06 -26.43
C VAL E 38 17.09 -23.73 -26.14
N ASP E 39 18.09 -23.51 -27.00
CA ASP E 39 19.41 -24.09 -26.75
C ASP E 39 20.44 -22.98 -26.81
N LEU E 40 21.40 -23.00 -25.91
CA LEU E 40 22.56 -22.13 -26.07
C LEU E 40 23.60 -22.90 -26.89
N LEU E 41 24.25 -22.19 -27.81
CA LEU E 41 25.24 -22.79 -28.72
C LEU E 41 26.63 -22.20 -28.56
N LYS E 42 27.64 -23.04 -28.53
CA LYS E 42 29.00 -22.56 -28.54
C LYS E 42 29.60 -23.08 -29.84
N ASN E 43 30.06 -22.16 -30.70
CA ASN E 43 30.61 -22.50 -32.03
C ASN E 43 29.74 -23.44 -32.85
N GLY E 44 28.43 -23.23 -32.67
CA GLY E 44 27.40 -24.00 -33.34
C GLY E 44 26.96 -25.27 -32.62
N GLU E 45 27.68 -25.69 -31.59
CA GLU E 45 27.34 -26.92 -30.88
C GLU E 45 26.54 -26.65 -29.60
N ARG E 46 25.62 -27.56 -29.28
CA ARG E 46 24.75 -27.42 -28.12
C ARG E 46 25.53 -27.48 -26.79
N ILE E 47 25.35 -26.47 -25.95
CA ILE E 47 25.92 -26.45 -24.58
C ILE E 47 25.03 -27.31 -23.66
N GLU E 48 25.61 -28.26 -22.96
CA GLU E 48 24.82 -29.20 -22.16
C GLU E 48 24.42 -28.67 -20.77
N LYS E 49 25.26 -27.84 -20.20
CA LYS E 49 25.05 -27.47 -18.81
C LYS E 49 24.25 -26.18 -18.73
N VAL E 50 22.99 -26.22 -19.18
CA VAL E 50 22.22 -24.98 -19.25
C VAL E 50 21.03 -25.02 -18.26
N GLU E 51 20.81 -23.95 -17.52
CA GLU E 51 19.75 -23.92 -16.56
C GLU E 51 18.69 -23.02 -17.12
N HIS E 52 17.47 -23.18 -16.61
CA HIS E 52 16.43 -22.26 -17.02
C HIS E 52 15.59 -21.85 -15.84
N SER E 53 14.93 -20.73 -15.99
CA SER E 53 14.09 -20.19 -14.93
C SER E 53 12.76 -20.93 -14.92
N ASP E 54 11.96 -20.73 -13.88
CA ASP E 54 10.61 -21.29 -13.86
C ASP E 54 9.66 -20.47 -14.75
N LEU E 55 8.82 -21.18 -15.49
CA LEU E 55 7.86 -20.55 -16.45
C LEU E 55 6.94 -19.58 -15.74
N SER E 56 6.94 -18.34 -16.21
CA SER E 56 6.06 -17.32 -15.61
C SER E 56 5.45 -16.55 -16.77
N PHE E 57 4.66 -15.50 -16.50
CA PHE E 57 4.08 -14.79 -17.61
C PHE E 57 3.74 -13.34 -17.24
N SER E 58 3.51 -12.53 -18.25
CA SER E 58 3.32 -11.09 -18.06
C SER E 58 1.88 -10.76 -17.95
N LYS E 59 1.61 -9.45 -17.82
CA LYS E 59 0.24 -8.95 -17.66
C LYS E 59 -0.70 -9.36 -18.81
N ASP E 60 -0.15 -9.43 -20.02
CA ASP E 60 -0.90 -9.80 -21.21
C ASP E 60 -0.98 -11.33 -21.46
N TRP E 61 -0.61 -12.08 -20.43
CA TRP E 61 -0.63 -13.56 -20.46
C TRP E 61 0.51 -14.21 -21.25
N SER E 62 1.36 -13.42 -21.91
CA SER E 62 2.45 -14.03 -22.66
C SER E 62 3.61 -14.52 -21.75
N PHE E 63 4.29 -15.59 -22.17
CA PHE E 63 5.20 -16.28 -21.29
C PHE E 63 6.58 -15.72 -21.41
N TYR E 64 7.38 -15.90 -20.37
CA TYR E 64 8.82 -15.58 -20.48
C TYR E 64 9.65 -16.66 -19.78
N LEU E 65 10.89 -16.85 -20.26
CA LEU E 65 11.87 -17.80 -19.68
C LEU E 65 13.27 -17.24 -19.88
N LEU E 66 14.16 -17.48 -18.90
CA LEU E 66 15.58 -17.15 -18.99
C LEU E 66 16.32 -18.47 -18.98
N TYR E 67 17.11 -18.70 -20.01
CA TYR E 67 18.10 -19.76 -20.07
C TYR E 67 19.48 -19.17 -19.89
N TYR E 68 20.33 -19.85 -19.13
CA TYR E 68 21.60 -19.28 -18.76
C TYR E 68 22.65 -20.31 -18.44
N THR E 69 23.90 -19.92 -18.70
CA THR E 69 25.05 -20.78 -18.35
C THR E 69 26.24 -19.88 -17.97
N GLU E 70 27.04 -20.34 -17.02
CA GLU E 70 28.38 -19.78 -16.72
C GLU E 70 29.32 -19.95 -17.93
N PHE E 71 30.00 -18.88 -18.33
CA PHE E 71 30.97 -18.95 -19.43
C PHE E 71 32.12 -17.99 -19.27
N THR E 72 33.23 -18.31 -19.94
CA THR E 72 34.32 -17.40 -20.03
C THR E 72 34.52 -17.01 -21.50
N PRO E 73 34.19 -15.74 -21.87
CA PRO E 73 34.38 -15.16 -23.20
C PRO E 73 35.84 -15.28 -23.62
N THR E 74 36.06 -15.60 -24.90
CA THR E 74 37.37 -15.50 -25.50
C THR E 74 37.16 -14.77 -26.82
N GLU E 75 38.27 -14.49 -27.50
CA GLU E 75 38.26 -13.85 -28.81
C GLU E 75 37.67 -14.76 -29.90
N LYS E 76 38.00 -16.06 -29.85
CA LYS E 76 37.65 -16.98 -30.93
C LYS E 76 36.24 -17.60 -30.85
N ASP E 77 35.65 -17.69 -29.65
CA ASP E 77 34.44 -18.51 -29.49
C ASP E 77 33.21 -17.71 -29.79
N GLU E 78 32.34 -18.32 -30.58
CA GLU E 78 31.09 -17.69 -30.96
C GLU E 78 29.93 -18.32 -30.23
N TYR E 79 29.04 -17.47 -29.70
CA TYR E 79 27.93 -17.96 -28.93
C TYR E 79 26.61 -17.53 -29.55
N ALA E 80 25.59 -18.35 -29.34
CA ALA E 80 24.26 -18.11 -29.96
C ALA E 80 23.17 -18.76 -29.15
N CYS E 81 21.91 -18.41 -29.44
CA CYS E 81 20.78 -19.06 -28.82
C CYS E 81 19.90 -19.57 -29.94
N ARG E 82 19.45 -20.82 -29.86
CA ARG E 82 18.63 -21.40 -30.93
C ARG E 82 17.26 -21.67 -30.37
N VAL E 83 16.23 -21.08 -30.97
CA VAL E 83 14.86 -21.20 -30.48
C VAL E 83 13.87 -21.77 -31.51
N ASN E 84 13.05 -22.75 -31.11
CA ASN E 84 11.92 -23.18 -31.95
C ASN E 84 10.61 -23.02 -31.20
N HIS E 85 9.52 -22.79 -31.92
CA HIS E 85 8.24 -22.45 -31.34
C HIS E 85 7.28 -22.58 -32.50
N VAL E 86 6.01 -22.81 -32.22
CA VAL E 86 5.02 -23.00 -33.27
C VAL E 86 4.96 -21.79 -34.25
N THR E 87 5.26 -20.57 -33.76
CA THR E 87 5.19 -19.36 -34.58
C THR E 87 6.35 -19.20 -35.57
N LEU E 88 7.43 -19.93 -35.34
CA LEU E 88 8.60 -19.85 -36.22
C LEU E 88 8.62 -21.00 -37.17
N SER E 89 8.73 -20.71 -38.47
CA SER E 89 8.60 -21.74 -39.45
C SER E 89 9.88 -22.62 -39.61
N GLN E 90 10.99 -22.18 -39.04
CA GLN E 90 12.19 -22.99 -38.82
C GLN E 90 12.82 -22.42 -37.55
N PRO E 91 13.73 -23.18 -36.87
CA PRO E 91 14.55 -22.61 -35.79
C PRO E 91 15.24 -21.30 -36.11
N LYS E 92 15.21 -20.42 -35.12
CA LYS E 92 15.74 -19.10 -35.24
C LYS E 92 17.00 -19.06 -34.37
N ILE E 93 18.09 -18.61 -34.97
CA ILE E 93 19.37 -18.48 -34.25
C ILE E 93 19.77 -17.01 -34.09
N VAL E 94 19.92 -16.56 -32.85
CA VAL E 94 20.34 -15.19 -32.55
C VAL E 94 21.78 -15.22 -32.00
N LYS E 95 22.73 -14.56 -32.68
CA LYS E 95 24.11 -14.59 -32.24
C LYS E 95 24.36 -13.60 -31.13
N TRP E 96 25.25 -13.95 -30.22
CA TRP E 96 25.71 -13.00 -29.20
C TRP E 96 26.61 -11.96 -29.87
N ASP E 97 26.25 -10.68 -29.73
CA ASP E 97 27.06 -9.62 -30.29
C ASP E 97 27.46 -8.84 -29.05
N ARG E 98 28.72 -8.94 -28.65
CA ARG E 98 29.14 -8.30 -27.39
C ARG E 98 29.35 -6.79 -27.54
N ASP E 99 29.38 -6.29 -28.76
CA ASP E 99 29.60 -4.87 -28.95
C ASP E 99 28.33 -4.04 -29.14
N MET E 100 27.21 -4.44 -28.56
CA MET E 100 26.03 -3.59 -28.70
C MET E 100 26.03 -2.38 -27.75
N ALA F 1 2.11 -16.41 0.85
CA ALA F 1 1.26 -17.63 1.09
C ALA F 1 0.03 -17.59 0.18
N ALA F 2 -0.24 -18.72 -0.48
CA ALA F 2 -1.24 -18.78 -1.54
C ALA F 2 -2.68 -18.86 -1.00
N GLY F 3 -3.65 -18.85 -1.92
CA GLY F 3 -5.07 -18.91 -1.56
C GLY F 3 -5.55 -20.33 -1.35
N ILE F 4 -6.75 -20.48 -0.78
CA ILE F 4 -7.40 -21.77 -0.50
C ILE F 4 -8.85 -21.71 -0.98
N GLY F 5 -9.50 -22.89 -1.04
CA GLY F 5 -10.88 -23.04 -1.52
C GLY F 5 -11.12 -22.47 -2.93
N ILE F 6 -10.17 -22.65 -3.82
CA ILE F 6 -10.27 -22.09 -5.18
C ILE F 6 -11.17 -22.99 -6.07
N LEU F 7 -12.11 -22.40 -6.81
CA LEU F 7 -13.19 -23.20 -7.37
C LEU F 7 -13.03 -23.40 -8.85
N THR F 8 -13.56 -24.50 -9.34
CA THR F 8 -13.34 -24.84 -10.70
C THR F 8 -14.26 -23.97 -11.60
N VAL F 9 -13.87 -23.75 -12.85
CA VAL F 9 -14.69 -22.95 -13.78
C VAL F 9 -16.01 -23.62 -14.27
C1 GOL G . -4.25 7.01 15.95
O1 GOL G . -3.05 7.27 16.66
C2 GOL G . -5.37 7.91 16.45
O2 GOL G . -6.31 7.23 17.26
C3 GOL G . -4.77 9.07 17.22
O3 GOL G . -5.18 10.24 16.54
C1 GOL H . -5.75 -4.60 15.69
O1 GOL H . -5.95 -5.67 16.57
C2 GOL H . -5.57 -3.29 16.45
O2 GOL H . -5.57 -2.20 15.58
C3 GOL H . -6.50 -3.14 17.65
O3 GOL H . -6.40 -1.79 18.02
C1 GOL I . 6.46 -11.24 -12.30
O1 GOL I . 6.05 -11.04 -13.65
C2 GOL I . 6.65 -9.92 -11.57
O2 GOL I . 7.68 -9.16 -12.18
C3 GOL I . 5.36 -9.15 -11.69
O3 GOL I . 4.80 -9.12 -10.39
NA NA J . 8.37 -24.17 -35.52
C1 GOL K . 14.36 -26.71 -23.74
O1 GOL K . 13.92 -25.45 -24.20
C2 GOL K . 15.39 -27.25 -24.69
O2 GOL K . 16.44 -27.90 -23.98
C3 GOL K . 14.78 -28.23 -25.69
O3 GOL K . 15.84 -28.86 -26.39
#